data_3FRX
#
_entry.id   3FRX
#
_cell.length_a   168.660
_cell.length_b   85.410
_cell.length_c   119.100
_cell.angle_alpha   90.00
_cell.angle_beta   134.80
_cell.angle_gamma   90.00
#
_symmetry.space_group_name_H-M   'C 1 2 1'
#
loop_
_entity.id
_entity.type
_entity.pdbx_description
1 polymer 'Guanine nucleotide-binding protein subunit beta-like protein'
2 non-polymer 'MANGANESE (II) ION'
3 water water
#
_entity_poly.entity_id   1
_entity_poly.type   'polypeptide(L)'
_entity_poly.pdbx_seq_one_letter_code
;(MSE)ASNEVLVLRGTLEGHNGWVTSLATSAGQPNLLLSASRDKTLISWKLTGDDQKFGVPVRSFKGHSHIVQDCTLTAD
GAYALSASWDKTLRLWDVATGETYQRFVGHKSDV(MSE)SVDIDKKAS(MSE)IISGSRDKTIKVWTIKGQCLATLLGHN
DWVSQVRVVPNEKADDDSVTIISAGNDK(MSE)VKAWNLNQFQIEADFIGHNSNINTLTASPDGTLIASAGKDGEI
(MSE)LWNLAAKKA(MSE)YTLSAQDEVFSLAFSPNRYWLAAATATGIKVFSLDPQYLVDDLRPEFAGYSKAAEPHAVSL
AWSADGQTLFAGYTDNVIRVWQV(MSE)TAN
;
_entity_poly.pdbx_strand_id   A,B,C,D
#
loop_
_chem_comp.id
_chem_comp.type
_chem_comp.name
_chem_comp.formula
MN non-polymer 'MANGANESE (II) ION' 'Mn 2'
#
# COMPACT_ATOMS: atom_id res chain seq x y z
N ASN A 4 27.58 93.45 -4.32
CA ASN A 4 27.55 92.19 -3.60
C ASN A 4 26.59 92.26 -2.42
N GLU A 5 25.51 93.01 -2.61
CA GLU A 5 24.52 93.22 -1.55
C GLU A 5 23.15 92.71 -1.98
N VAL A 6 22.56 91.88 -1.13
CA VAL A 6 21.22 91.36 -1.39
C VAL A 6 20.32 91.51 -0.17
N LEU A 7 19.02 91.37 -0.41
CA LEU A 7 18.03 91.35 0.65
C LEU A 7 17.67 89.91 1.02
N VAL A 8 17.82 89.58 2.30
CA VAL A 8 17.61 88.22 2.77
C VAL A 8 16.57 88.18 3.90
N LEU A 9 15.58 87.31 3.76
CA LEU A 9 14.57 87.13 4.79
C LEU A 9 15.21 86.58 6.06
N ARG A 10 15.14 87.37 7.12
CA ARG A 10 15.83 87.03 8.36
C ARG A 10 14.91 86.43 9.42
N GLY A 11 13.66 86.87 9.43
CA GLY A 11 12.71 86.37 10.41
C GLY A 11 11.35 87.04 10.36
N THR A 12 10.55 86.79 11.39
CA THR A 12 9.21 87.34 11.48
C THR A 12 8.94 87.91 12.86
N LEU A 13 7.91 88.76 12.94
CA LEU A 13 7.45 89.30 14.20
C LEU A 13 5.96 89.04 14.31
N GLU A 14 5.58 88.11 15.17
CA GLU A 14 4.18 87.72 15.30
C GLU A 14 3.60 88.26 16.61
N GLY A 15 2.33 88.65 16.58
CA GLY A 15 1.70 89.24 17.75
C GLY A 15 0.45 90.04 17.44
N HIS A 16 0.31 90.48 16.19
CA HIS A 16 -0.89 91.17 15.77
C HIS A 16 -1.96 90.18 15.34
N ASN A 17 -3.22 90.60 15.42
CA ASN A 17 -4.34 89.74 15.04
C ASN A 17 -5.15 90.31 13.87
N GLY A 18 -4.55 91.27 13.17
CA GLY A 18 -5.15 91.84 11.97
C GLY A 18 -4.04 92.34 11.07
N TRP A 19 -4.38 92.66 9.82
CA TRP A 19 -3.43 93.21 8.87
C TRP A 19 -2.49 94.18 9.58
N VAL A 20 -1.20 94.06 9.30
CA VAL A 20 -0.23 95.04 9.80
C VAL A 20 -0.18 96.21 8.82
N THR A 21 -0.92 97.27 9.13
CA THR A 21 -1.17 98.36 8.19
C THR A 21 -0.05 99.40 8.11
N SER A 22 0.77 99.48 9.15
CA SER A 22 1.77 100.53 9.23
C SER A 22 2.94 100.16 10.12
N LEU A 23 4.13 100.64 9.75
CA LEU A 23 5.35 100.38 10.50
C LEU A 23 6.14 101.66 10.68
N ALA A 24 6.86 101.76 11.80
CA ALA A 24 7.69 102.93 12.05
C ALA A 24 8.94 102.56 12.85
N THR A 25 10.06 103.16 12.47
CA THR A 25 11.32 102.98 13.20
C THR A 25 11.78 104.34 13.69
N SER A 26 12.86 104.38 14.46
CA SER A 26 13.39 105.65 14.95
C SER A 26 14.91 105.63 15.04
N ALA A 27 15.52 106.77 14.72
CA ALA A 27 16.98 106.89 14.77
C ALA A 27 17.48 106.85 16.20
N GLY A 28 16.70 107.41 17.12
CA GLY A 28 17.06 107.44 18.52
C GLY A 28 17.09 106.07 19.15
N GLN A 29 16.14 105.21 18.77
CA GLN A 29 16.09 103.85 19.28
C GLN A 29 16.11 102.81 18.15
N PRO A 30 17.31 102.49 17.66
CA PRO A 30 17.48 101.59 16.50
C PRO A 30 16.99 100.17 16.78
N ASN A 31 16.71 99.85 18.04
CA ASN A 31 16.25 98.52 18.39
C ASN A 31 14.75 98.47 18.67
N LEU A 32 14.08 99.58 18.38
CA LEU A 32 12.65 99.69 18.58
C LEU A 32 11.89 99.69 17.26
N LEU A 33 10.80 98.92 17.21
CA LEU A 33 9.90 98.96 16.06
C LEU A 33 8.47 99.21 16.53
N LEU A 34 7.76 100.08 15.81
CA LEU A 34 6.34 100.30 16.10
C LEU A 34 5.50 99.77 14.96
N SER A 35 4.41 99.08 15.30
CA SER A 35 3.50 98.55 14.29
C SER A 35 2.04 98.89 14.61
N ALA A 36 1.24 99.07 13.56
CA ALA A 36 -0.18 99.33 13.70
C ALA A 36 -0.98 98.27 12.95
N SER A 37 -2.20 97.97 13.40
CA SER A 37 -2.93 96.84 12.85
C SER A 37 -4.45 97.05 12.80
N ARG A 38 -5.11 96.30 11.93
CA ARG A 38 -6.56 96.29 11.88
C ARG A 38 -7.15 95.71 13.16
N ASP A 39 -6.31 95.13 14.00
CA ASP A 39 -6.78 94.61 15.28
C ASP A 39 -6.98 95.73 16.30
N LYS A 40 -6.93 96.98 15.82
CA LYS A 40 -7.21 98.17 16.62
C LYS A 40 -6.10 98.53 17.60
N THR A 41 -4.95 97.88 17.48
CA THR A 41 -3.87 98.13 18.43
C THR A 41 -2.57 98.47 17.72
N LEU A 42 -1.63 99.03 18.50
CA LEU A 42 -0.26 99.16 18.04
C LEU A 42 0.60 98.28 18.93
N ILE A 43 1.76 97.90 18.41
CA ILE A 43 2.72 97.11 19.19
C ILE A 43 4.12 97.67 19.04
N SER A 44 4.79 97.90 20.17
CA SER A 44 6.20 98.21 20.15
C SER A 44 6.97 96.90 20.28
N TRP A 45 8.00 96.75 19.46
CA TRP A 45 8.81 95.54 19.47
C TRP A 45 10.23 95.85 19.93
N LYS A 46 10.83 94.89 20.64
CA LYS A 46 12.25 94.95 20.93
C LYS A 46 12.98 94.06 19.94
N LEU A 47 13.87 94.66 19.16
CA LEU A 47 14.60 93.92 18.13
C LEU A 47 15.90 93.34 18.67
N THR A 48 16.04 92.02 18.59
CA THR A 48 17.26 91.36 18.99
C THR A 48 18.02 90.88 17.76
N GLY A 49 17.27 90.44 16.75
CA GLY A 49 17.85 89.91 15.53
C GLY A 49 18.60 88.63 15.80
N ASP A 50 17.90 87.62 16.31
CA ASP A 50 18.53 86.40 16.75
C ASP A 50 17.78 85.14 16.32
N ASP A 51 18.46 84.26 15.61
CA ASP A 51 17.93 82.95 15.27
C ASP A 51 16.59 83.03 14.53
N GLN A 52 15.57 82.40 15.10
CA GLN A 52 14.25 82.36 14.50
C GLN A 52 13.25 83.21 15.28
N LYS A 53 13.78 84.21 15.98
CA LYS A 53 12.94 85.19 16.66
C LYS A 53 13.67 86.54 16.62
N PHE A 54 13.42 87.31 15.55
CA PHE A 54 14.13 88.55 15.32
C PHE A 54 13.84 89.58 16.42
N GLY A 55 12.71 89.41 17.10
CA GLY A 55 12.35 90.32 18.17
C GLY A 55 11.08 89.91 18.88
N VAL A 56 10.72 90.65 19.93
CA VAL A 56 9.55 90.33 20.72
C VAL A 56 8.72 91.58 21.02
N PRO A 57 7.40 91.39 21.20
CA PRO A 57 6.50 92.49 21.60
C PRO A 57 6.79 92.93 23.03
N VAL A 58 6.88 94.23 23.26
CA VAL A 58 7.13 94.75 24.59
C VAL A 58 5.92 95.49 25.18
N ARG A 59 5.23 96.25 24.33
CA ARG A 59 4.02 96.95 24.76
C ARG A 59 2.89 96.79 23.76
N SER A 60 1.67 96.75 24.28
CA SER A 60 0.48 96.79 23.44
C SER A 60 -0.22 98.13 23.64
N PHE A 61 -0.57 98.78 22.53
CA PHE A 61 -1.19 100.10 22.59
C PHE A 61 -2.68 100.01 22.26
N LYS A 62 -3.50 99.93 23.30
CA LYS A 62 -4.93 99.72 23.13
C LYS A 62 -5.72 100.97 23.50
N GLY A 63 -6.78 101.25 22.73
CA GLY A 63 -7.61 102.41 23.00
C GLY A 63 -8.47 102.80 21.82
N HIS A 64 -7.95 102.62 20.61
CA HIS A 64 -8.73 102.88 19.40
C HIS A 64 -9.87 101.88 19.29
N SER A 65 -11.02 102.35 18.82
CA SER A 65 -12.20 101.51 18.71
C SER A 65 -12.41 101.02 17.27
N HIS A 66 -11.41 101.24 16.42
CA HIS A 66 -11.48 100.78 15.04
C HIS A 66 -10.08 100.54 14.50
N ILE A 67 -10.00 100.25 13.21
CA ILE A 67 -8.72 99.99 12.55
C ILE A 67 -7.72 101.12 12.75
N VAL A 68 -6.49 100.78 13.09
CA VAL A 68 -5.41 101.75 13.08
C VAL A 68 -4.72 101.65 11.73
N GLN A 69 -4.77 102.74 10.97
CA GLN A 69 -4.31 102.73 9.58
C GLN A 69 -2.86 103.14 9.43
N ASP A 70 -2.39 104.03 10.30
CA ASP A 70 -1.07 104.61 10.15
C ASP A 70 -0.46 104.91 11.51
N CYS A 71 0.87 104.88 11.58
CA CYS A 71 1.56 105.20 12.82
C CYS A 71 2.96 105.74 12.55
N THR A 72 3.51 106.45 13.53
CA THR A 72 4.88 106.93 13.42
C THR A 72 5.46 107.15 14.81
N LEU A 73 6.78 107.24 14.89
CA LEU A 73 7.47 107.52 16.14
C LEU A 73 8.15 108.88 16.05
N THR A 74 8.28 109.56 17.18
CA THR A 74 9.09 110.76 17.22
C THR A 74 10.54 110.38 17.00
N ALA A 75 11.38 111.37 16.75
CA ALA A 75 12.79 111.12 16.42
C ALA A 75 13.49 110.34 17.53
N ASP A 76 13.20 110.68 18.77
CA ASP A 76 13.85 110.03 19.91
C ASP A 76 13.21 108.69 20.26
N GLY A 77 12.06 108.40 19.66
CA GLY A 77 11.38 107.14 19.88
C GLY A 77 10.54 107.11 21.15
N ALA A 78 10.49 108.24 21.86
CA ALA A 78 9.77 108.32 23.11
C ALA A 78 8.25 108.28 22.93
N TYR A 79 7.77 108.85 21.82
CA TYR A 79 6.33 108.96 21.61
C TYR A 79 5.86 108.35 20.28
N ALA A 80 4.62 107.86 20.30
CA ALA A 80 4.00 107.30 19.11
C ALA A 80 2.75 108.08 18.73
N LEU A 81 2.49 108.17 17.42
CA LEU A 81 1.25 108.75 16.91
C LEU A 81 0.52 107.70 16.11
N SER A 82 -0.81 107.72 16.20
CA SER A 82 -1.64 106.76 15.48
C SER A 82 -2.84 107.44 14.83
N ALA A 83 -3.21 106.96 13.65
CA ALA A 83 -4.41 107.41 12.96
C ALA A 83 -5.38 106.24 12.87
N SER A 84 -6.65 106.50 13.14
CA SER A 84 -7.63 105.42 13.20
C SER A 84 -8.92 105.68 12.43
N TRP A 85 -9.56 104.61 11.97
CA TRP A 85 -10.85 104.69 11.30
C TRP A 85 -11.92 105.18 12.27
N ASP A 86 -11.58 105.24 13.56
CA ASP A 86 -12.51 105.72 14.56
C ASP A 86 -12.56 107.25 14.57
N LYS A 87 -11.94 107.85 13.56
CA LYS A 87 -12.02 109.28 13.32
C LYS A 87 -11.06 110.11 14.20
N THR A 88 -10.21 109.42 14.95
CA THR A 88 -9.31 110.14 15.84
C THR A 88 -7.85 109.73 15.65
N LEU A 89 -6.96 110.57 16.18
CA LEU A 89 -5.56 110.19 16.32
C LEU A 89 -5.24 110.17 17.80
N ARG A 90 -4.23 109.40 18.18
CA ARG A 90 -3.77 109.40 19.56
C ARG A 90 -2.25 109.55 19.61
N LEU A 91 -1.78 110.28 20.62
CA LEU A 91 -0.37 110.36 20.93
C LEU A 91 -0.12 109.44 22.12
N TRP A 92 0.83 108.53 21.98
CA TRP A 92 1.10 107.54 23.01
C TRP A 92 2.47 107.71 23.65
N ASP A 93 2.56 107.40 24.93
CA ASP A 93 3.84 107.26 25.60
C ASP A 93 4.37 105.86 25.30
N VAL A 94 5.45 105.79 24.52
CA VAL A 94 5.98 104.50 24.07
C VAL A 94 6.44 103.63 25.24
N ALA A 95 7.00 104.26 26.26
CA ALA A 95 7.52 103.52 27.41
C ALA A 95 6.42 102.77 28.17
N THR A 96 5.25 103.40 28.29
CA THR A 96 4.19 102.84 29.13
C THR A 96 3.03 102.24 28.34
N GLY A 97 2.86 102.69 27.09
CA GLY A 97 1.77 102.20 26.26
C GLY A 97 0.47 102.94 26.49
N GLU A 98 0.54 104.05 27.21
CA GLU A 98 -0.65 104.84 27.53
C GLU A 98 -0.91 105.94 26.51
N THR A 99 -2.16 106.35 26.40
CA THR A 99 -2.53 107.48 25.55
C THR A 99 -2.36 108.77 26.33
N TYR A 100 -1.51 109.67 25.83
CA TYR A 100 -1.35 110.98 26.44
C TYR A 100 -2.38 111.99 25.93
N GLN A 101 -2.71 111.89 24.65
CA GLN A 101 -3.58 112.88 24.01
C GLN A 101 -4.41 112.31 22.86
N ARG A 102 -5.66 112.75 22.79
CA ARG A 102 -6.55 112.36 21.70
C ARG A 102 -6.74 113.54 20.75
N PHE A 103 -6.87 113.24 19.47
CA PHE A 103 -7.04 114.27 18.45
C PHE A 103 -8.38 114.08 17.74
N VAL A 104 -9.36 114.88 18.12
CA VAL A 104 -10.71 114.77 17.60
C VAL A 104 -11.04 115.96 16.71
N GLY A 105 -11.67 115.70 15.57
CA GLY A 105 -11.96 116.75 14.62
C GLY A 105 -12.36 116.28 13.22
N HIS A 106 -11.80 115.15 12.79
CA HIS A 106 -12.16 114.59 11.49
C HIS A 106 -13.58 114.03 11.53
N LYS A 107 -14.24 114.06 10.38
CA LYS A 107 -15.62 113.60 10.29
C LYS A 107 -15.69 112.18 9.74
N SER A 108 -14.53 111.60 9.43
CA SER A 108 -14.49 110.26 8.89
C SER A 108 -13.16 109.57 9.23
N ASP A 109 -12.94 108.40 8.64
CA ASP A 109 -11.75 107.61 8.90
C ASP A 109 -10.49 108.45 8.75
N VAL A 110 -9.61 108.38 9.75
CA VAL A 110 -8.31 109.03 9.65
C VAL A 110 -7.32 108.03 9.06
N MSE A 111 -6.80 108.35 7.87
CA MSE A 111 -6.02 107.38 7.11
C MSE A 111 -4.51 107.57 7.25
O MSE A 111 -3.75 106.65 6.94
CB MSE A 111 -6.40 107.45 5.64
CG MSE A 111 -7.85 107.10 5.38
SE MSE A 111 -8.26 105.27 5.93
CE MSE A 111 -7.29 104.33 4.53
N SER A 112 -4.09 108.73 7.72
CA SER A 112 -2.68 109.04 7.75
C SER A 112 -2.30 110.00 8.87
N VAL A 113 -1.11 109.83 9.42
CA VAL A 113 -0.58 110.76 10.41
C VAL A 113 0.91 110.96 10.19
N ASP A 114 1.39 112.16 10.47
CA ASP A 114 2.82 112.44 10.44
C ASP A 114 3.12 113.63 11.34
N ILE A 115 4.40 113.83 11.63
CA ILE A 115 4.83 114.88 12.54
C ILE A 115 6.10 115.52 12.01
N ASP A 116 6.29 116.80 12.31
CA ASP A 116 7.50 117.50 11.86
C ASP A 116 8.70 117.04 12.69
N LYS A 117 9.89 117.42 12.26
CA LYS A 117 11.12 117.01 12.93
C LYS A 117 11.19 117.55 14.36
N LYS A 118 10.74 118.78 14.55
CA LYS A 118 10.75 119.42 15.86
C LYS A 118 9.69 118.82 16.78
N ALA A 119 8.86 117.94 16.22
CA ALA A 119 7.75 117.36 16.97
C ALA A 119 6.90 118.46 17.59
N SER A 120 6.65 119.50 16.81
CA SER A 120 5.89 120.65 17.29
C SER A 120 4.48 120.67 16.72
N MSE A 121 4.29 120.06 15.56
CA MSE A 121 2.96 119.98 14.96
C MSE A 121 2.70 118.66 14.24
O MSE A 121 3.61 118.02 13.72
CB MSE A 121 2.66 121.19 14.05
CG MSE A 121 3.47 121.26 12.77
SE MSE A 121 3.04 122.91 11.80
CE MSE A 121 3.21 124.19 13.27
N ILE A 122 1.43 118.26 14.23
CA ILE A 122 1.02 116.98 13.70
C ILE A 122 0.09 117.17 12.51
N ILE A 123 0.25 116.34 11.48
CA ILE A 123 -0.62 116.43 10.32
C ILE A 123 -1.35 115.11 10.11
N SER A 124 -2.59 115.20 9.64
CA SER A 124 -3.42 114.03 9.43
C SER A 124 -4.20 114.13 8.13
N GLY A 125 -4.53 112.98 7.56
CA GLY A 125 -5.35 112.92 6.37
C GLY A 125 -6.54 111.98 6.59
N SER A 126 -7.67 112.32 6.00
CA SER A 126 -8.91 111.58 6.29
C SER A 126 -9.79 111.36 5.06
N ARG A 127 -10.69 110.39 5.15
CA ARG A 127 -11.65 110.13 4.09
C ARG A 127 -12.71 111.22 4.07
N ASP A 128 -12.62 112.17 5.00
CA ASP A 128 -13.48 113.34 4.96
C ASP A 128 -12.93 114.39 3.97
N LYS A 129 -11.88 113.99 3.25
CA LYS A 129 -11.31 114.79 2.16
C LYS A 129 -10.38 115.90 2.64
N THR A 130 -10.19 116.02 3.96
CA THR A 130 -9.40 117.11 4.50
C THR A 130 -8.05 116.68 5.05
N ILE A 131 -7.16 117.66 5.19
CA ILE A 131 -5.90 117.48 5.91
C ILE A 131 -5.96 118.42 7.10
N LYS A 132 -5.65 117.90 8.29
CA LYS A 132 -5.67 118.74 9.48
C LYS A 132 -4.28 118.91 10.09
N VAL A 133 -4.07 120.10 10.66
CA VAL A 133 -2.83 120.44 11.34
C VAL A 133 -3.15 120.65 12.81
N TRP A 134 -2.42 119.96 13.69
CA TRP A 134 -2.70 119.99 15.11
C TRP A 134 -1.47 120.41 15.93
N THR A 135 -1.70 120.85 17.15
CA THR A 135 -0.63 121.01 18.13
C THR A 135 -0.42 119.65 18.78
N ILE A 136 0.74 119.45 19.40
CA ILE A 136 1.01 118.18 20.07
C ILE A 136 0.11 117.99 21.29
N LYS A 137 -0.63 119.03 21.66
CA LYS A 137 -1.57 118.95 22.78
C LYS A 137 -2.98 118.60 22.32
N GLY A 138 -3.12 118.23 21.05
CA GLY A 138 -4.40 117.76 20.53
C GLY A 138 -5.33 118.84 20.04
N GLN A 139 -4.83 120.07 19.95
CA GLN A 139 -5.65 121.18 19.48
C GLN A 139 -5.54 121.31 17.96
N CYS A 140 -6.68 121.22 17.28
CA CYS A 140 -6.69 121.42 15.83
C CYS A 140 -6.45 122.90 15.52
N LEU A 141 -5.46 123.16 14.68
CA LEU A 141 -5.11 124.52 14.32
C LEU A 141 -5.82 124.94 13.05
N ALA A 142 -5.76 124.07 12.04
CA ALA A 142 -6.31 124.41 10.73
C ALA A 142 -6.64 123.16 9.93
N THR A 143 -7.52 123.34 8.94
CA THR A 143 -7.92 122.27 8.06
C THR A 143 -7.64 122.70 6.63
N LEU A 144 -6.86 121.89 5.90
CA LEU A 144 -6.50 122.22 4.53
C LEU A 144 -7.48 121.58 3.55
N LEU A 145 -8.06 122.41 2.69
CA LEU A 145 -9.04 121.94 1.72
C LEU A 145 -8.46 122.02 0.30
N GLY A 146 -8.81 121.05 -0.53
CA GLY A 146 -8.30 121.00 -1.89
C GLY A 146 -8.53 119.67 -2.58
N HIS A 147 -8.50 118.60 -1.80
CA HIS A 147 -8.76 117.27 -2.33
C HIS A 147 -10.25 117.03 -2.56
N ASN A 148 -10.60 116.43 -3.69
CA ASN A 148 -11.98 116.21 -4.05
C ASN A 148 -12.47 114.80 -3.77
N ASP A 149 -11.67 114.06 -3.01
CA ASP A 149 -12.02 112.70 -2.64
C ASP A 149 -11.21 112.34 -1.39
N TRP A 150 -11.29 111.08 -0.97
CA TRP A 150 -10.57 110.65 0.22
C TRP A 150 -9.08 110.99 0.14
N VAL A 151 -8.53 111.42 1.27
CA VAL A 151 -7.09 111.57 1.39
C VAL A 151 -6.54 110.26 1.95
N SER A 152 -5.57 109.68 1.25
CA SER A 152 -5.04 108.38 1.64
C SER A 152 -3.77 108.49 2.48
N GLN A 153 -2.98 109.52 2.23
CA GLN A 153 -1.70 109.67 2.93
C GLN A 153 -1.17 111.10 2.91
N VAL A 154 -0.59 111.51 4.03
CA VAL A 154 0.03 112.82 4.14
C VAL A 154 1.40 112.66 4.80
N ARG A 155 2.39 113.36 4.26
CA ARG A 155 3.76 113.24 4.76
C ARG A 155 4.45 114.60 4.83
N VAL A 156 5.28 114.77 5.85
CA VAL A 156 6.11 115.96 5.98
C VAL A 156 7.36 115.78 5.12
N VAL A 157 7.67 116.79 4.32
CA VAL A 157 8.88 116.75 3.49
C VAL A 157 10.09 117.19 4.30
N PRO A 158 11.12 116.33 4.35
CA PRO A 158 12.36 116.69 5.06
C PRO A 158 12.98 117.94 4.45
N ASN A 159 13.67 118.73 5.27
CA ASN A 159 14.38 119.90 4.78
C ASN A 159 15.72 120.11 5.47
N SER A 166 9.67 126.59 8.48
CA SER A 166 9.13 126.49 7.13
C SER A 166 8.83 125.05 6.77
N VAL A 167 7.60 124.61 7.06
CA VAL A 167 7.21 123.23 6.86
C VAL A 167 6.48 123.00 5.54
N THR A 168 6.88 121.96 4.83
CA THR A 168 6.20 121.56 3.60
C THR A 168 5.67 120.14 3.76
N ILE A 169 4.40 119.93 3.43
CA ILE A 169 3.83 118.60 3.46
C ILE A 169 3.33 118.19 2.08
N ILE A 170 3.10 116.91 1.90
CA ILE A 170 2.59 116.39 0.64
C ILE A 170 1.44 115.42 0.90
N SER A 171 0.48 115.40 -0.02
CA SER A 171 -0.67 114.53 0.14
C SER A 171 -1.06 113.86 -1.16
N ALA A 172 -1.79 112.76 -1.03
CA ALA A 172 -2.36 112.06 -2.17
C ALA A 172 -3.74 111.57 -1.77
N GLY A 173 -4.58 111.30 -2.76
CA GLY A 173 -5.93 110.86 -2.50
C GLY A 173 -6.56 110.19 -3.70
N ASN A 174 -7.83 109.82 -3.56
CA ASN A 174 -8.55 109.13 -4.62
C ASN A 174 -9.08 110.07 -5.70
N ASP A 175 -8.63 111.32 -5.67
CA ASP A 175 -8.92 112.25 -6.75
C ASP A 175 -7.77 112.28 -7.75
N LYS A 176 -6.86 111.31 -7.62
CA LYS A 176 -5.75 111.14 -8.55
C LYS A 176 -4.74 112.28 -8.50
N MSE A 177 -4.84 113.11 -7.46
CA MSE A 177 -3.97 114.27 -7.33
C MSE A 177 -2.93 114.07 -6.23
O MSE A 177 -3.22 113.51 -5.18
CB MSE A 177 -4.79 115.52 -7.03
CG MSE A 177 -5.68 115.96 -8.17
SE MSE A 177 -4.65 116.44 -9.76
CE MSE A 177 -3.47 117.77 -8.95
N VAL A 178 -1.72 114.53 -6.50
CA VAL A 178 -0.70 114.66 -5.47
C VAL A 178 -0.49 116.15 -5.25
N LYS A 179 -0.48 116.56 -3.99
CA LYS A 179 -0.38 117.98 -3.67
C LYS A 179 0.74 118.27 -2.66
N ALA A 180 1.45 119.36 -2.89
CA ALA A 180 2.39 119.87 -1.90
C ALA A 180 1.79 121.14 -1.28
N TRP A 181 1.87 121.25 0.03
CA TRP A 181 1.30 122.39 0.74
C TRP A 181 2.36 123.12 1.54
N ASN A 182 2.23 124.44 1.61
CA ASN A 182 3.09 125.26 2.45
C ASN A 182 2.38 125.57 3.76
N LEU A 183 2.84 124.96 4.85
CA LEU A 183 2.19 125.11 6.16
C LEU A 183 2.31 126.52 6.73
N ASN A 184 3.30 127.28 6.26
CA ASN A 184 3.44 128.66 6.70
C ASN A 184 2.32 129.53 6.15
N GLN A 185 1.62 129.01 5.15
CA GLN A 185 0.54 129.74 4.49
C GLN A 185 -0.77 128.97 4.52
N PHE A 186 -0.70 127.71 4.99
CA PHE A 186 -1.83 126.79 4.91
C PHE A 186 -2.41 126.79 3.50
N GLN A 187 -1.54 126.83 2.50
CA GLN A 187 -1.99 126.91 1.12
C GLN A 187 -1.23 125.97 0.19
N ILE A 188 -1.88 125.59 -0.91
CA ILE A 188 -1.30 124.70 -1.89
C ILE A 188 -0.08 125.35 -2.55
N GLU A 189 0.99 124.58 -2.68
CA GLU A 189 2.22 125.08 -3.29
C GLU A 189 2.39 124.52 -4.70
N ALA A 190 1.88 123.32 -4.93
CA ALA A 190 2.02 122.67 -6.22
C ALA A 190 1.00 121.55 -6.42
N ASP A 191 0.45 121.48 -7.62
CA ASP A 191 -0.42 120.38 -8.03
C ASP A 191 0.36 119.44 -8.92
N PHE A 192 0.42 118.17 -8.53
CA PHE A 192 1.11 117.16 -9.33
C PHE A 192 0.10 116.26 -10.03
N ILE A 193 -0.10 116.51 -11.31
CA ILE A 193 -1.08 115.76 -12.10
C ILE A 193 -0.39 114.66 -12.89
N GLY A 194 -1.02 113.50 -13.00
CA GLY A 194 -0.46 112.44 -13.82
C GLY A 194 -0.95 111.04 -13.50
N HIS A 195 -1.42 110.84 -12.28
CA HIS A 195 -1.93 109.52 -11.89
C HIS A 195 -3.28 109.25 -12.55
N ASN A 196 -3.47 108.01 -12.96
CA ASN A 196 -4.71 107.61 -13.62
C ASN A 196 -5.57 106.72 -12.73
N SER A 197 -5.11 106.50 -11.50
CA SER A 197 -5.84 105.63 -10.58
C SER A 197 -5.71 106.13 -9.15
N ASN A 198 -6.53 105.56 -8.26
CA ASN A 198 -6.43 105.83 -6.84
C ASN A 198 -4.99 105.74 -6.37
N ILE A 199 -4.56 106.74 -5.61
CA ILE A 199 -3.22 106.75 -5.02
C ILE A 199 -3.31 106.26 -3.58
N ASN A 200 -2.57 105.20 -3.27
CA ASN A 200 -2.61 104.61 -1.93
C ASN A 200 -1.55 105.19 -1.01
N THR A 201 -0.43 105.59 -1.59
CA THR A 201 0.74 105.96 -0.80
C THR A 201 1.64 106.95 -1.52
N LEU A 202 2.32 107.78 -0.74
CA LEU A 202 3.37 108.63 -1.28
C LEU A 202 4.43 108.88 -0.21
N THR A 203 5.61 109.29 -0.64
CA THR A 203 6.71 109.56 0.27
C THR A 203 7.71 110.51 -0.35
N ALA A 204 8.44 111.23 0.50
CA ALA A 204 9.48 112.14 0.04
C ALA A 204 10.85 111.54 0.30
N SER A 205 11.77 111.75 -0.63
CA SER A 205 13.15 111.31 -0.45
C SER A 205 13.75 111.99 0.77
N PRO A 206 14.76 111.36 1.38
CA PRO A 206 15.37 111.89 2.60
C PRO A 206 15.94 113.30 2.43
N ASP A 207 16.35 113.65 1.22
CA ASP A 207 16.88 115.00 0.98
C ASP A 207 15.80 115.98 0.58
N GLY A 208 14.55 115.51 0.59
CA GLY A 208 13.40 116.37 0.36
C GLY A 208 13.27 116.92 -1.05
N THR A 209 13.98 116.32 -2.01
CA THR A 209 13.96 116.80 -3.38
C THR A 209 12.97 116.05 -4.27
N LEU A 210 12.70 114.80 -3.92
CA LEU A 210 11.83 113.96 -4.75
C LEU A 210 10.56 113.53 -4.03
N ILE A 211 9.49 113.33 -4.80
CA ILE A 211 8.28 112.70 -4.31
C ILE A 211 8.01 111.42 -5.08
N ALA A 212 7.70 110.35 -4.36
CA ALA A 212 7.28 109.10 -4.99
C ALA A 212 5.85 108.79 -4.56
N SER A 213 5.00 108.46 -5.53
CA SER A 213 3.60 108.19 -5.26
C SER A 213 3.10 107.05 -6.14
N ALA A 214 2.14 106.28 -5.62
CA ALA A 214 1.64 105.12 -6.35
C ALA A 214 0.35 104.58 -5.74
N GLY A 215 -0.39 103.82 -6.54
CA GLY A 215 -1.63 103.22 -6.07
C GLY A 215 -2.07 102.03 -6.90
N LYS A 216 -3.36 102.03 -7.25
CA LYS A 216 -4.01 100.87 -7.84
C LYS A 216 -3.33 100.27 -9.08
N ASP A 217 -2.96 101.11 -10.04
CA ASP A 217 -2.42 100.62 -11.31
C ASP A 217 -0.94 100.24 -11.24
N GLY A 218 -0.36 100.37 -10.05
CA GLY A 218 1.02 99.97 -9.83
C GLY A 218 2.05 100.91 -10.44
N GLU A 219 1.60 102.07 -10.90
CA GLU A 219 2.50 103.05 -11.49
C GLU A 219 3.11 103.96 -10.43
N ILE A 220 4.42 103.85 -10.25
CA ILE A 220 5.12 104.66 -9.26
C ILE A 220 5.69 105.92 -9.92
N MSE A 221 5.05 107.06 -9.68
CA MSE A 221 5.47 108.30 -10.30
C MSE A 221 6.46 109.05 -9.40
O MSE A 221 6.21 109.26 -8.21
CB MSE A 221 4.26 109.17 -10.63
CG MSE A 221 3.25 108.47 -11.52
SE MSE A 221 1.95 109.66 -12.32
CE MSE A 221 3.18 110.79 -13.34
N LEU A 222 7.59 109.44 -9.99
CA LEU A 222 8.59 110.25 -9.32
C LEU A 222 8.45 111.71 -9.72
N TRP A 223 8.40 112.60 -8.75
CA TRP A 223 8.25 114.03 -9.04
C TRP A 223 9.42 114.85 -8.51
N ASN A 224 9.80 115.86 -9.29
CA ASN A 224 10.74 116.87 -8.83
C ASN A 224 9.96 117.95 -8.08
N LEU A 225 10.09 117.96 -6.76
CA LEU A 225 9.31 118.86 -5.91
C LEU A 225 9.55 120.34 -6.24
N ALA A 226 10.82 120.75 -6.20
CA ALA A 226 11.17 122.15 -6.45
C ALA A 226 10.71 122.61 -7.83
N ALA A 227 10.95 121.78 -8.84
CA ALA A 227 10.59 122.14 -10.21
C ALA A 227 9.11 121.95 -10.48
N LYS A 228 8.42 121.31 -9.54
CA LYS A 228 6.99 121.05 -9.66
C LYS A 228 6.66 120.28 -10.94
N LYS A 229 7.50 119.31 -11.27
CA LYS A 229 7.33 118.54 -12.50
C LYS A 229 7.47 117.04 -12.28
N ALA A 230 6.82 116.26 -13.15
CA ALA A 230 6.99 114.83 -13.15
C ALA A 230 8.29 114.47 -13.87
N MSE A 231 9.03 113.52 -13.31
CA MSE A 231 10.29 113.09 -13.88
C MSE A 231 10.11 111.82 -14.72
O MSE A 231 10.35 111.82 -15.93
CB MSE A 231 11.33 112.85 -12.79
CG MSE A 231 11.88 114.13 -12.17
SE MSE A 231 12.49 113.89 -10.34
CE MSE A 231 13.00 112.01 -10.43
N TYR A 232 9.66 110.76 -14.08
CA TYR A 232 9.43 109.48 -14.74
C TYR A 232 8.54 108.58 -13.90
N THR A 233 8.08 107.50 -14.51
CA THR A 233 7.23 106.53 -13.82
C THR A 233 7.85 105.15 -13.86
N LEU A 234 7.85 104.46 -12.73
CA LEU A 234 8.32 103.09 -12.65
C LEU A 234 7.12 102.13 -12.61
N SER A 235 7.15 101.11 -13.44
CA SER A 235 6.06 100.13 -13.46
C SER A 235 6.29 99.04 -12.43
N ALA A 236 5.40 98.98 -11.43
CA ALA A 236 5.44 97.91 -10.44
C ALA A 236 4.41 96.84 -10.80
N GLN A 237 3.62 97.12 -11.84
CA GLN A 237 2.66 96.18 -12.39
C GLN A 237 1.40 96.03 -11.53
N ASP A 238 1.58 95.64 -10.28
CA ASP A 238 0.45 95.39 -9.39
C ASP A 238 0.22 96.54 -8.42
N GLU A 239 -0.94 96.55 -7.77
CA GLU A 239 -1.29 97.64 -6.86
C GLU A 239 -0.23 97.86 -5.80
N VAL A 240 0.16 99.12 -5.62
CA VAL A 240 1.15 99.49 -4.62
C VAL A 240 0.46 100.02 -3.36
N PHE A 241 0.85 99.47 -2.21
CA PHE A 241 0.23 99.85 -0.95
C PHE A 241 1.13 100.76 -0.09
N SER A 242 2.44 100.59 -0.21
CA SER A 242 3.37 101.41 0.56
C SER A 242 4.67 101.67 -0.19
N LEU A 243 5.22 102.87 -0.01
CA LEU A 243 6.50 103.24 -0.59
C LEU A 243 7.47 103.71 0.49
N ALA A 244 8.74 103.37 0.34
CA ALA A 244 9.73 103.81 1.32
C ALA A 244 11.13 103.91 0.71
N PHE A 245 11.66 105.13 0.70
CA PHE A 245 13.03 105.36 0.28
C PHE A 245 13.99 104.84 1.34
N SER A 246 15.06 104.19 0.90
CA SER A 246 16.15 103.86 1.80
C SER A 246 16.74 105.14 2.35
N PRO A 247 17.12 105.15 3.63
CA PRO A 247 17.70 106.33 4.27
C PRO A 247 19.11 106.62 3.75
N ASN A 248 19.84 105.59 3.35
CA ASN A 248 21.25 105.74 2.98
C ASN A 248 21.60 105.26 1.58
N ARG A 249 20.68 104.55 0.93
CA ARG A 249 20.89 104.09 -0.44
C ARG A 249 19.90 104.75 -1.37
N TYR A 250 20.25 104.82 -2.66
CA TYR A 250 19.31 105.30 -3.67
C TYR A 250 18.36 104.17 -4.04
N TRP A 251 17.64 103.70 -3.03
CA TRP A 251 16.71 102.60 -3.21
C TRP A 251 15.29 103.03 -2.84
N LEU A 252 14.32 102.52 -3.59
CA LEU A 252 12.92 102.77 -3.31
C LEU A 252 12.18 101.44 -3.23
N ALA A 253 11.63 101.16 -2.06
CA ALA A 253 10.89 99.91 -1.84
C ALA A 253 9.40 100.14 -1.99
N ALA A 254 8.75 99.21 -2.68
CA ALA A 254 7.32 99.30 -2.91
C ALA A 254 6.62 97.99 -2.58
N ALA A 255 5.72 98.04 -1.60
CA ALA A 255 4.93 96.87 -1.23
C ALA A 255 3.75 96.72 -2.18
N THR A 256 3.76 95.66 -2.98
CA THR A 256 2.69 95.44 -3.95
C THR A 256 1.89 94.17 -3.66
N ALA A 257 0.80 93.99 -4.38
CA ALA A 257 -0.09 92.85 -4.18
C ALA A 257 0.59 91.51 -4.46
N THR A 258 1.70 91.52 -5.18
CA THR A 258 2.39 90.29 -5.56
C THR A 258 3.78 90.16 -4.95
N GLY A 259 4.20 91.17 -4.20
CA GLY A 259 5.50 91.15 -3.57
C GLY A 259 6.06 92.53 -3.34
N ILE A 260 7.24 92.61 -2.73
CA ILE A 260 7.90 93.87 -2.49
C ILE A 260 8.99 94.13 -3.50
N LYS A 261 8.75 95.07 -4.42
CA LYS A 261 9.74 95.45 -5.40
C LYS A 261 10.67 96.53 -4.85
N VAL A 262 11.97 96.25 -4.85
CA VAL A 262 12.97 97.23 -4.43
C VAL A 262 13.71 97.78 -5.65
N PHE A 263 13.51 99.06 -5.92
CA PHE A 263 14.10 99.71 -7.08
C PHE A 263 15.38 100.46 -6.73
N SER A 264 16.43 100.22 -7.51
CA SER A 264 17.59 101.10 -7.47
C SER A 264 17.35 102.23 -8.44
N LEU A 265 17.52 103.46 -7.97
CA LEU A 265 17.26 104.62 -8.80
C LEU A 265 18.55 105.17 -9.41
N ASP A 266 19.67 104.78 -8.84
CA ASP A 266 20.97 105.24 -9.33
C ASP A 266 22.03 104.15 -9.23
N PRO A 267 22.23 103.39 -10.33
CA PRO A 267 21.47 103.54 -11.58
C PRO A 267 20.15 102.80 -11.50
N GLN A 268 19.31 103.00 -12.52
CA GLN A 268 18.00 102.38 -12.58
C GLN A 268 18.05 100.87 -12.84
N TYR A 269 17.62 100.09 -11.86
CA TYR A 269 17.40 98.67 -12.04
C TYR A 269 16.63 98.11 -10.85
N LEU A 270 16.09 96.90 -11.01
CA LEU A 270 15.35 96.25 -9.94
C LEU A 270 16.31 95.50 -9.02
N VAL A 271 16.46 96.00 -7.79
CA VAL A 271 17.29 95.32 -6.80
C VAL A 271 16.74 93.92 -6.52
N ASP A 272 15.42 93.84 -6.31
CA ASP A 272 14.79 92.56 -6.01
C ASP A 272 13.26 92.65 -6.00
N ASP A 273 12.62 91.49 -6.04
CA ASP A 273 11.18 91.39 -5.92
C ASP A 273 10.87 90.35 -4.84
N LEU A 274 10.75 90.83 -3.60
CA LEU A 274 10.62 89.95 -2.45
C LEU A 274 9.26 89.25 -2.40
N ARG A 275 9.28 87.92 -2.49
CA ARG A 275 8.06 87.13 -2.47
C ARG A 275 8.24 85.89 -1.60
N PRO A 276 7.84 86.00 -0.32
CA PRO A 276 7.95 84.87 0.60
C PRO A 276 7.06 83.71 0.17
N GLU A 277 7.46 82.48 0.51
CA GLU A 277 6.61 81.32 0.30
C GLU A 277 5.63 81.15 1.46
N PHE A 278 4.37 80.91 1.13
CA PHE A 278 3.28 81.09 2.08
C PHE A 278 2.59 79.76 2.39
N ALA A 279 2.88 79.22 3.57
CA ALA A 279 2.14 78.09 4.11
C ALA A 279 2.08 76.95 3.09
N GLY A 280 0.89 76.37 2.92
CA GLY A 280 0.31 76.21 1.60
C GLY A 280 -1.03 76.90 1.46
N TYR A 281 -1.04 78.21 1.64
CA TYR A 281 -2.05 79.06 1.02
C TYR A 281 -2.30 78.67 -0.43
N SER A 282 -3.48 79.01 -0.93
CA SER A 282 -3.76 78.92 -2.36
C SER A 282 -3.22 80.17 -3.04
N LYS A 283 -2.90 80.07 -4.32
CA LYS A 283 -2.40 81.23 -5.06
C LYS A 283 -3.35 82.39 -4.89
N ALA A 284 -4.64 82.11 -5.10
CA ALA A 284 -5.68 83.13 -4.98
C ALA A 284 -5.61 83.86 -3.66
N ALA A 285 -5.18 83.17 -2.62
CA ALA A 285 -5.27 83.70 -1.27
C ALA A 285 -3.94 84.08 -0.64
N GLU A 286 -2.90 84.21 -1.46
CA GLU A 286 -1.58 84.57 -0.93
C GLU A 286 -1.59 85.95 -0.27
N PRO A 287 -1.13 86.01 0.98
CA PRO A 287 -1.01 87.30 1.68
C PRO A 287 0.01 88.18 0.98
N HIS A 288 -0.10 89.50 1.18
CA HIS A 288 0.89 90.43 0.64
C HIS A 288 1.19 91.55 1.62
N ALA A 289 2.28 92.26 1.37
CA ALA A 289 2.69 93.37 2.23
C ALA A 289 1.88 94.62 1.95
N VAL A 290 1.49 95.33 3.00
CA VAL A 290 0.75 96.58 2.86
C VAL A 290 1.43 97.70 3.63
N SER A 291 2.54 97.38 4.29
CA SER A 291 3.29 98.39 5.03
C SER A 291 4.80 98.15 4.96
N LEU A 292 5.57 99.23 4.99
CA LEU A 292 7.03 99.16 4.91
C LEU A 292 7.70 100.14 5.86
N ALA A 293 8.89 99.77 6.32
CA ALA A 293 9.73 100.68 7.10
C ALA A 293 11.19 100.23 7.05
N TRP A 294 12.08 101.17 6.76
CA TRP A 294 13.52 100.90 6.85
C TRP A 294 13.99 101.21 8.26
N SER A 295 14.97 100.44 8.73
CA SER A 295 15.66 100.79 9.96
C SER A 295 16.42 102.09 9.72
N ALA A 296 16.81 102.76 10.80
CA ALA A 296 17.55 104.02 10.69
C ALA A 296 18.81 103.86 9.87
N ASP A 297 19.53 102.75 10.06
CA ASP A 297 20.79 102.52 9.36
C ASP A 297 20.60 101.97 7.95
N GLY A 298 19.35 101.67 7.61
CA GLY A 298 19.02 101.21 6.26
C GLY A 298 19.41 99.78 5.97
N GLN A 299 19.88 99.05 6.98
CA GLN A 299 20.33 97.68 6.79
C GLN A 299 19.19 96.69 6.99
N THR A 300 18.05 97.18 7.45
CA THR A 300 16.90 96.32 7.69
C THR A 300 15.63 96.89 7.07
N LEU A 301 14.83 96.02 6.46
CA LEU A 301 13.54 96.40 5.89
C LEU A 301 12.43 95.61 6.53
N PHE A 302 11.47 96.32 7.14
CA PHE A 302 10.32 95.68 7.77
C PHE A 302 9.11 95.81 6.86
N ALA A 303 8.30 94.76 6.81
CA ALA A 303 7.08 94.78 6.01
C ALA A 303 5.93 94.04 6.70
N GLY A 304 4.80 94.73 6.82
CA GLY A 304 3.62 94.15 7.46
C GLY A 304 2.69 93.53 6.43
N TYR A 305 2.15 92.37 6.76
CA TYR A 305 1.37 91.58 5.80
C TYR A 305 -0.09 91.40 6.20
N THR A 306 -0.89 90.97 5.24
CA THR A 306 -2.31 90.74 5.45
C THR A 306 -2.58 89.45 6.21
N ASP A 307 -1.52 88.77 6.64
CA ASP A 307 -1.69 87.60 7.48
C ASP A 307 -1.28 87.93 8.91
N ASN A 308 -1.25 89.23 9.22
CA ASN A 308 -0.98 89.72 10.56
C ASN A 308 0.48 89.61 11.00
N VAL A 309 1.34 89.24 10.06
CA VAL A 309 2.74 88.99 10.38
C VAL A 309 3.66 90.07 9.82
N ILE A 310 4.68 90.43 10.58
CA ILE A 310 5.72 91.32 10.09
C ILE A 310 6.92 90.48 9.65
N ARG A 311 7.40 90.72 8.43
CA ARG A 311 8.56 90.01 7.92
C ARG A 311 9.76 90.93 7.81
N VAL A 312 10.94 90.39 8.08
CA VAL A 312 12.14 91.20 8.20
C VAL A 312 13.23 90.75 7.21
N TRP A 313 13.65 91.67 6.35
CA TRP A 313 14.76 91.42 5.44
C TRP A 313 15.96 92.26 5.87
N GLN A 314 17.16 91.70 5.70
CA GLN A 314 18.37 92.44 5.97
C GLN A 314 19.27 92.49 4.73
N VAL A 315 19.96 93.60 4.56
CA VAL A 315 20.95 93.72 3.49
C VAL A 315 22.22 93.00 3.90
N MSE A 316 22.56 91.94 3.18
CA MSE A 316 23.77 91.17 3.49
C MSE A 316 24.68 91.07 2.27
O MSE A 316 24.29 91.45 1.16
CB MSE A 316 23.39 89.77 3.97
CG MSE A 316 22.44 89.75 5.16
SE MSE A 316 21.96 87.93 5.67
CE MSE A 316 23.48 87.51 6.81
N THR A 317 25.87 90.55 2.48
CA THR A 317 26.79 90.28 1.38
C THR A 317 26.51 88.90 0.79
N ALA A 318 26.58 88.79 -0.54
CA ALA A 318 26.28 87.54 -1.21
C ALA A 318 27.37 86.50 -0.99
N MSE B 1 29.70 12.15 -12.27
CA MSE B 1 29.69 13.38 -13.03
C MSE B 1 31.07 13.74 -13.56
O MSE B 1 31.81 12.86 -14.02
CB MSE B 1 29.17 14.53 -12.17
CG MSE B 1 27.71 14.38 -11.78
SE MSE B 1 27.03 16.03 -11.01
CE MSE B 1 27.98 16.01 -9.32
N ALA B 2 31.42 15.02 -13.51
CA ALA B 2 32.76 15.46 -13.85
C ALA B 2 33.55 15.56 -12.57
N SER B 3 32.91 16.09 -11.54
CA SER B 3 33.52 16.24 -10.22
C SER B 3 33.37 14.96 -9.42
N ASN B 4 32.90 13.91 -10.07
CA ASN B 4 32.83 12.59 -9.47
C ASN B 4 31.84 12.50 -8.31
N GLU B 5 30.73 13.22 -8.42
CA GLU B 5 29.69 13.20 -7.39
C GLU B 5 28.39 12.63 -7.93
N VAL B 6 27.65 11.94 -7.07
CA VAL B 6 26.34 11.42 -7.42
C VAL B 6 25.39 11.51 -6.24
N LEU B 7 24.10 11.53 -6.52
CA LEU B 7 23.08 11.48 -5.48
C LEU B 7 22.75 10.03 -5.16
N VAL B 8 22.80 9.67 -3.88
CA VAL B 8 22.56 8.30 -3.44
C VAL B 8 21.48 8.26 -2.37
N LEU B 9 20.52 7.35 -2.53
CA LEU B 9 19.47 7.17 -1.52
C LEU B 9 20.08 6.61 -0.24
N ARG B 10 20.02 7.40 0.83
CA ARG B 10 20.67 7.03 2.08
C ARG B 10 19.72 6.37 3.07
N GLY B 11 18.46 6.79 3.05
CA GLY B 11 17.49 6.21 3.94
C GLY B 11 16.12 6.86 3.88
N THR B 12 15.28 6.55 4.86
CA THR B 12 13.94 7.10 4.93
C THR B 12 13.65 7.65 6.31
N LEU B 13 12.65 8.53 6.39
CA LEU B 13 12.17 9.04 7.66
C LEU B 13 10.67 8.79 7.72
N GLU B 14 10.28 7.82 8.54
CA GLU B 14 8.87 7.43 8.63
C GLU B 14 8.30 7.92 9.96
N GLY B 15 7.02 8.28 9.95
CA GLY B 15 6.38 8.86 11.13
C GLY B 15 5.08 9.56 10.80
N HIS B 16 4.97 10.07 9.58
CA HIS B 16 3.73 10.73 9.14
C HIS B 16 2.70 9.71 8.69
N ASN B 17 1.44 10.12 8.71
CA ASN B 17 0.34 9.26 8.30
C ASN B 17 -0.46 9.85 7.15
N GLY B 18 0.15 10.81 6.46
CA GLY B 18 -0.43 11.41 5.28
C GLY B 18 0.68 11.97 4.42
N TRP B 19 0.32 12.43 3.22
CA TRP B 19 1.30 13.02 2.30
C TRP B 19 2.23 13.97 3.04
N VAL B 20 3.52 13.84 2.81
CA VAL B 20 4.49 14.82 3.33
C VAL B 20 4.53 16.00 2.37
N THR B 21 3.76 17.02 2.70
CA THR B 21 3.49 18.12 1.77
C THR B 21 4.59 19.17 1.71
N SER B 22 5.43 19.22 2.75
CA SER B 22 6.40 20.30 2.86
C SER B 22 7.56 19.95 3.80
N LEU B 23 8.74 20.44 3.46
CA LEU B 23 9.95 20.19 4.24
C LEU B 23 10.71 21.49 4.45
N ALA B 24 11.41 21.60 5.56
CA ALA B 24 12.22 22.79 5.85
C ALA B 24 13.47 22.44 6.65
N THR B 25 14.56 23.14 6.35
CA THR B 25 15.81 22.97 7.08
C THR B 25 16.32 24.34 7.50
N SER B 26 17.31 24.37 8.39
CA SER B 26 17.85 25.63 8.88
C SER B 26 19.37 25.59 9.02
N ALA B 27 20.02 26.71 8.68
CA ALA B 27 21.45 26.82 8.85
C ALA B 27 21.85 26.79 10.33
N GLY B 28 20.98 27.32 11.18
CA GLY B 28 21.23 27.33 12.60
C GLY B 28 21.34 25.94 13.19
N GLN B 29 20.48 25.03 12.74
CA GLN B 29 20.44 23.67 13.24
C GLN B 29 20.54 22.66 12.11
N PRO B 30 21.75 22.44 11.60
CA PRO B 30 21.99 21.54 10.46
C PRO B 30 21.43 20.12 10.67
N ASN B 31 21.23 19.72 11.93
CA ASN B 31 20.74 18.37 12.23
C ASN B 31 19.24 18.30 12.44
N LEU B 32 18.54 19.41 12.15
CA LEU B 32 17.09 19.46 12.34
C LEU B 32 16.36 19.50 11.00
N LEU B 33 15.32 18.68 10.89
CA LEU B 33 14.43 18.72 9.74
C LEU B 33 12.99 18.90 10.20
N LEU B 34 12.28 19.82 9.55
CA LEU B 34 10.85 20.01 9.82
C LEU B 34 10.03 19.51 8.64
N SER B 35 8.95 18.81 8.94
CA SER B 35 8.07 18.28 7.90
C SER B 35 6.61 18.54 8.24
N ALA B 36 5.80 18.82 7.23
CA ALA B 36 4.37 18.99 7.39
C ALA B 36 3.64 17.91 6.61
N SER B 37 2.41 17.60 7.01
CA SER B 37 1.70 16.47 6.40
C SER B 37 0.18 16.67 6.31
N ARG B 38 -0.44 15.96 5.38
CA ARG B 38 -1.89 15.94 5.29
C ARG B 38 -2.50 15.31 6.54
N ASP B 39 -1.65 14.73 7.38
CA ASP B 39 -2.12 14.15 8.64
C ASP B 39 -2.35 15.24 9.69
N LYS B 40 -2.33 16.50 9.23
CA LYS B 40 -2.66 17.64 10.06
C LYS B 40 -1.57 18.04 11.06
N THR B 41 -0.41 17.39 10.97
CA THR B 41 0.66 17.67 11.92
C THR B 41 1.97 18.05 11.25
N LEU B 42 2.89 18.57 12.06
CA LEU B 42 4.28 18.72 11.63
C LEU B 42 5.16 17.87 12.53
N ILE B 43 6.28 17.42 12.00
CA ILE B 43 7.25 16.66 12.80
C ILE B 43 8.64 17.27 12.67
N SER B 44 9.29 17.46 13.81
CA SER B 44 10.70 17.81 13.82
C SER B 44 11.51 16.52 13.93
N TRP B 45 12.56 16.41 13.15
CA TRP B 45 13.38 15.19 13.11
C TRP B 45 14.81 15.46 13.54
N LYS B 46 15.36 14.58 14.35
CA LYS B 46 16.78 14.62 14.68
C LYS B 46 17.55 13.79 13.66
N LEU B 47 18.41 14.44 12.89
CA LEU B 47 19.17 13.77 11.85
C LEU B 47 20.48 13.19 12.37
N THR B 48 20.62 11.87 12.26
CA THR B 48 21.86 11.20 12.63
C THR B 48 22.64 10.83 11.39
N GLY B 49 21.93 10.64 10.28
CA GLY B 49 22.56 10.29 9.01
C GLY B 49 23.32 9.00 9.17
N ASP B 50 22.58 7.89 9.27
CA ASP B 50 23.07 6.70 9.94
C ASP B 50 22.46 5.44 9.34
N ASP B 51 23.09 4.30 9.62
CA ASP B 51 22.34 3.05 9.81
C ASP B 51 21.48 2.75 8.59
N GLN B 52 20.32 2.15 8.84
CA GLN B 52 19.15 2.35 7.97
C GLN B 52 18.07 3.18 8.68
N LYS B 53 18.50 4.09 9.53
CA LYS B 53 17.59 5.02 10.18
C LYS B 53 18.27 6.39 10.21
N PHE B 54 18.12 7.13 9.12
CA PHE B 54 18.82 8.39 8.93
C PHE B 54 18.54 9.38 10.07
N GLY B 55 17.39 9.23 10.71
CA GLY B 55 17.01 10.11 11.80
C GLY B 55 15.73 9.66 12.47
N VAL B 56 15.35 10.35 13.53
CA VAL B 56 14.16 10.00 14.31
C VAL B 56 13.31 11.22 14.63
N PRO B 57 11.99 11.01 14.75
CA PRO B 57 11.07 12.09 15.15
C PRO B 57 11.34 12.50 16.59
N VAL B 58 11.41 13.80 16.85
CA VAL B 58 11.63 14.28 18.20
C VAL B 58 10.41 14.99 18.77
N ARG B 59 9.72 15.76 17.93
CA ARG B 59 8.50 16.45 18.35
C ARG B 59 7.38 16.29 17.32
N SER B 60 6.15 16.24 17.81
CA SER B 60 4.98 16.29 16.95
C SER B 60 4.26 17.62 17.19
N PHE B 61 3.87 18.28 16.11
CA PHE B 61 3.21 19.57 16.20
C PHE B 61 1.74 19.43 15.84
N LYS B 62 0.89 19.30 16.86
CA LYS B 62 -0.53 19.09 16.65
C LYS B 62 -1.31 20.35 17.05
N GLY B 63 -2.35 20.67 16.27
CA GLY B 63 -3.15 21.86 16.55
C GLY B 63 -4.04 22.22 15.39
N HIS B 64 -3.52 22.10 14.17
CA HIS B 64 -4.32 22.34 12.98
C HIS B 64 -5.44 21.31 12.86
N SER B 65 -6.55 21.71 12.25
CA SER B 65 -7.71 20.84 12.11
C SER B 65 -7.90 20.37 10.68
N HIS B 66 -6.90 20.59 9.85
CA HIS B 66 -6.95 20.16 8.45
C HIS B 66 -5.52 19.96 7.93
N ILE B 67 -5.41 19.68 6.64
CA ILE B 67 -4.12 19.47 6.00
C ILE B 67 -3.16 20.64 6.26
N VAL B 68 -1.92 20.32 6.63
CA VAL B 68 -0.86 21.32 6.67
C VAL B 68 -0.15 21.30 5.32
N GLN B 69 -0.26 22.39 4.58
CA GLN B 69 0.24 22.43 3.20
C GLN B 69 1.70 22.87 3.08
N ASP B 70 2.11 23.80 3.94
CA ASP B 70 3.45 24.37 3.85
C ASP B 70 4.03 24.61 5.23
N CYS B 71 5.36 24.66 5.31
CA CYS B 71 6.03 24.96 6.58
C CYS B 71 7.41 25.57 6.32
N THR B 72 7.94 26.25 7.33
CA THR B 72 9.30 26.77 7.26
C THR B 72 9.86 26.99 8.65
N LEU B 73 11.19 27.06 8.73
CA LEU B 73 11.86 27.31 10.00
C LEU B 73 12.50 28.69 9.97
N THR B 74 12.65 29.31 11.14
CA THR B 74 13.41 30.55 11.23
C THR B 74 14.88 30.23 11.03
N ALA B 75 15.68 31.27 10.81
CA ALA B 75 17.11 31.10 10.55
C ALA B 75 17.81 30.26 11.64
N ASP B 76 17.49 30.55 12.90
CA ASP B 76 18.11 29.85 14.02
C ASP B 76 17.47 28.48 14.29
N GLY B 77 16.37 28.19 13.59
CA GLY B 77 15.70 26.91 13.74
C GLY B 77 14.86 26.80 14.99
N ALA B 78 14.77 27.91 15.74
CA ALA B 78 14.05 27.92 17.01
C ALA B 78 12.54 27.93 16.83
N TYR B 79 12.06 28.47 15.71
CA TYR B 79 10.63 28.59 15.47
C TYR B 79 10.19 28.02 14.13
N ALA B 80 8.96 27.50 14.09
CA ALA B 80 8.40 26.96 12.87
C ALA B 80 7.09 27.67 12.50
N LEU B 81 6.83 27.78 11.20
CA LEU B 81 5.59 28.36 10.70
C LEU B 81 4.88 27.34 9.84
N SER B 82 3.56 27.27 9.96
CA SER B 82 2.77 26.32 9.19
C SER B 82 1.57 26.99 8.54
N ALA B 83 1.22 26.53 7.34
CA ALA B 83 0.01 26.99 6.65
C ALA B 83 -0.93 25.81 6.49
N SER B 84 -2.21 26.02 6.79
CA SER B 84 -3.17 24.93 6.83
C SER B 84 -4.44 25.20 6.03
N TRP B 85 -5.04 24.14 5.50
CA TRP B 85 -6.32 24.23 4.80
C TRP B 85 -7.41 24.68 5.76
N ASP B 86 -7.10 24.68 7.06
CA ASP B 86 -8.06 25.11 8.05
C ASP B 86 -8.17 26.64 8.10
N LYS B 87 -7.54 27.28 7.10
CA LYS B 87 -7.64 28.73 6.90
C LYS B 87 -6.73 29.54 7.82
N THR B 88 -5.88 28.86 8.59
CA THR B 88 -5.02 29.57 9.52
C THR B 88 -3.54 29.21 9.34
N LEU B 89 -2.69 30.04 9.92
CA LEU B 89 -1.28 29.71 10.06
C LEU B 89 -0.96 29.65 11.54
N ARG B 90 0.10 28.92 11.88
CA ARG B 90 0.55 28.83 13.27
C ARG B 90 2.05 29.05 13.39
N LEU B 91 2.44 29.72 14.46
CA LEU B 91 3.85 29.86 14.81
C LEU B 91 4.12 28.91 15.97
N TRP B 92 5.11 28.03 15.80
CA TRP B 92 5.40 27.01 16.81
C TRP B 92 6.76 27.24 17.46
N ASP B 93 6.88 26.80 18.71
CA ASP B 93 8.17 26.72 19.37
C ASP B 93 8.76 25.36 19.05
N VAL B 94 9.85 25.35 18.29
CA VAL B 94 10.44 24.10 17.82
C VAL B 94 10.85 23.17 18.96
N ALA B 95 11.38 23.76 20.03
CA ALA B 95 11.87 22.98 21.16
C ALA B 95 10.77 22.21 21.89
N THR B 96 9.59 22.81 21.99
CA THR B 96 8.52 22.25 22.83
C THR B 96 7.35 21.70 22.02
N GLY B 97 7.21 22.15 20.79
CA GLY B 97 6.12 21.70 19.93
C GLY B 97 4.82 22.45 20.16
N GLU B 98 4.89 23.54 20.91
CA GLU B 98 3.69 24.28 21.26
C GLU B 98 3.43 25.45 20.30
N THR B 99 2.15 25.79 20.12
CA THR B 99 1.77 26.92 19.30
C THR B 99 1.87 28.22 20.10
N TYR B 100 2.70 29.14 19.63
CA TYR B 100 2.80 30.45 20.27
C TYR B 100 1.78 31.44 19.73
N GLN B 101 1.40 31.27 18.47
CA GLN B 101 0.53 32.24 17.81
C GLN B 101 -0.25 31.66 16.64
N ARG B 102 -1.52 32.05 16.55
CA ARG B 102 -2.37 31.68 15.42
C ARG B 102 -2.56 32.89 14.52
N PHE B 103 -2.66 32.63 13.22
CA PHE B 103 -2.85 33.71 12.25
C PHE B 103 -4.18 33.51 11.52
N VAL B 104 -5.18 34.28 11.92
CA VAL B 104 -6.51 34.16 11.36
C VAL B 104 -6.80 35.35 10.44
N GLY B 105 -7.42 35.09 9.30
CA GLY B 105 -7.75 36.17 8.38
C GLY B 105 -8.08 35.74 6.96
N HIS B 106 -7.52 34.61 6.55
CA HIS B 106 -7.83 34.08 5.22
C HIS B 106 -9.23 33.49 5.19
N LYS B 107 -9.88 33.57 4.03
CA LYS B 107 -11.24 33.08 3.89
C LYS B 107 -11.28 31.67 3.32
N SER B 108 -10.11 31.12 3.03
CA SER B 108 -10.03 29.77 2.48
C SER B 108 -8.70 29.11 2.82
N ASP B 109 -8.45 27.95 2.23
CA ASP B 109 -7.24 27.19 2.50
C ASP B 109 -5.98 28.05 2.37
N VAL B 110 -5.11 27.97 3.38
CA VAL B 110 -3.81 28.62 3.30
C VAL B 110 -2.80 27.63 2.72
N MSE B 111 -2.23 27.99 1.57
CA MSE B 111 -1.43 27.05 0.79
C MSE B 111 0.06 27.25 0.97
O MSE B 111 0.85 26.36 0.64
CB MSE B 111 -1.79 27.16 -0.68
CG MSE B 111 -3.24 26.87 -0.99
SE MSE B 111 -3.73 25.07 -0.48
CE MSE B 111 -2.66 24.09 -1.78
N SER B 112 0.45 28.41 1.47
CA SER B 112 1.88 28.75 1.54
C SER B 112 2.17 29.71 2.67
N VAL B 113 3.37 29.62 3.22
CA VAL B 113 3.82 30.55 4.23
C VAL B 113 5.32 30.78 4.08
N ASP B 114 5.77 31.99 4.40
CA ASP B 114 7.19 32.28 4.44
C ASP B 114 7.46 33.44 5.38
N ILE B 115 8.74 33.65 5.69
CA ILE B 115 9.13 34.68 6.63
C ILE B 115 10.44 35.31 6.18
N ASP B 116 10.60 36.61 6.43
CA ASP B 116 11.83 37.29 6.05
C ASP B 116 12.99 36.80 6.90
N LYS B 117 14.20 37.22 6.54
CA LYS B 117 15.41 36.79 7.24
C LYS B 117 15.42 37.28 8.69
N LYS B 118 15.02 38.54 8.89
CA LYS B 118 14.98 39.14 10.21
C LYS B 118 13.87 38.55 11.07
N ALA B 119 13.05 37.68 10.47
CA ALA B 119 11.91 37.12 11.16
C ALA B 119 11.06 38.23 11.77
N SER B 120 10.81 39.28 10.98
CA SER B 120 10.04 40.42 11.46
C SER B 120 8.64 40.46 10.85
N MSE B 121 8.48 39.82 9.70
CA MSE B 121 7.14 39.71 9.10
C MSE B 121 6.91 38.42 8.33
O MSE B 121 7.85 37.79 7.84
CB MSE B 121 6.83 40.94 8.23
CG MSE B 121 7.57 41.05 6.91
SE MSE B 121 7.05 42.70 6.01
CE MSE B 121 7.38 43.94 7.48
N ILE B 122 5.64 38.02 8.27
CA ILE B 122 5.25 36.74 7.73
C ILE B 122 4.32 36.92 6.53
N ILE B 123 4.48 36.09 5.52
CA ILE B 123 3.64 36.17 4.32
C ILE B 123 2.94 34.85 4.06
N SER B 124 1.72 34.92 3.55
CA SER B 124 0.93 33.73 3.29
C SER B 124 0.17 33.83 1.97
N GLY B 125 -0.12 32.69 1.37
CA GLY B 125 -0.90 32.63 0.14
C GLY B 125 -2.04 31.66 0.30
N SER B 126 -3.20 32.01 -0.25
CA SER B 126 -4.42 31.23 -0.02
C SER B 126 -5.25 31.01 -1.28
N ARG B 127 -6.16 30.04 -1.21
CA ARG B 127 -7.07 29.79 -2.30
C ARG B 127 -8.14 30.88 -2.37
N ASP B 128 -8.10 31.80 -1.42
CA ASP B 128 -8.97 32.97 -1.44
C ASP B 128 -8.40 34.05 -2.36
N LYS B 129 -7.36 33.68 -3.11
CA LYS B 129 -6.76 34.56 -4.12
C LYS B 129 -5.87 35.67 -3.55
N THR B 130 -5.70 35.70 -2.24
CA THR B 130 -4.97 36.81 -1.63
C THR B 130 -3.63 36.40 -1.01
N ILE B 131 -2.75 37.38 -0.90
CA ILE B 131 -1.51 37.23 -0.16
C ILE B 131 -1.61 38.13 1.06
N LYS B 132 -1.33 37.59 2.23
CA LYS B 132 -1.41 38.39 3.46
C LYS B 132 -0.06 38.58 4.13
N VAL B 133 0.13 39.77 4.70
CA VAL B 133 1.35 40.10 5.43
C VAL B 133 1.02 40.27 6.91
N TRP B 134 1.77 39.61 7.77
CA TRP B 134 1.48 39.58 9.21
C TRP B 134 2.69 39.96 10.05
N THR B 135 2.41 40.43 11.27
CA THR B 135 3.45 40.58 12.28
C THR B 135 3.68 39.22 12.91
N ILE B 136 4.84 39.02 13.53
CA ILE B 136 5.14 37.75 14.18
C ILE B 136 4.22 37.49 15.38
N LYS B 137 3.43 38.50 15.75
CA LYS B 137 2.48 38.37 16.85
C LYS B 137 1.08 38.03 16.34
N GLY B 138 0.97 37.67 15.06
CA GLY B 138 -0.27 37.20 14.49
C GLY B 138 -1.22 38.27 14.00
N GLN B 139 -0.75 39.51 13.89
CA GLN B 139 -1.58 40.61 13.45
C GLN B 139 -1.48 40.81 11.94
N CYS B 140 -2.61 40.73 11.24
CA CYS B 140 -2.61 40.97 9.80
C CYS B 140 -2.38 42.44 9.52
N LEU B 141 -1.36 42.72 8.73
CA LEU B 141 -1.02 44.09 8.39
C LEU B 141 -1.71 44.53 7.10
N ALA B 142 -1.69 43.67 6.10
CA ALA B 142 -2.20 44.03 4.79
C ALA B 142 -2.56 42.81 3.96
N THR B 143 -3.41 43.01 2.97
CA THR B 143 -3.75 41.96 2.03
C THR B 143 -3.43 42.41 0.62
N LEU B 144 -2.57 41.65 -0.05
CA LEU B 144 -2.15 42.01 -1.41
C LEU B 144 -3.08 41.38 -2.43
N LEU B 145 -3.61 42.21 -3.32
CA LEU B 145 -4.54 41.75 -4.34
C LEU B 145 -3.91 41.83 -5.72
N GLY B 146 -4.24 40.90 -6.60
CA GLY B 146 -3.69 40.89 -7.94
C GLY B 146 -3.84 39.57 -8.67
N HIS B 147 -3.90 38.48 -7.92
CA HIS B 147 -4.11 37.17 -8.51
C HIS B 147 -5.60 36.95 -8.78
N ASN B 148 -5.89 36.33 -9.92
CA ASN B 148 -7.27 36.08 -10.31
C ASN B 148 -7.70 34.64 -10.07
N ASP B 149 -6.89 33.91 -9.32
CA ASP B 149 -7.20 32.53 -8.97
C ASP B 149 -6.44 32.15 -7.71
N TRP B 150 -6.48 30.87 -7.33
CA TRP B 150 -5.80 30.42 -6.13
C TRP B 150 -4.33 30.80 -6.15
N VAL B 151 -3.83 31.27 -5.01
CA VAL B 151 -2.40 31.45 -4.84
C VAL B 151 -1.84 30.14 -4.30
N SER B 152 -0.88 29.57 -5.01
CA SER B 152 -0.37 28.25 -4.65
C SER B 152 0.89 28.32 -3.80
N GLN B 153 1.68 29.37 -3.97
CA GLN B 153 2.93 29.49 -3.23
C GLN B 153 3.46 30.92 -3.22
N VAL B 154 3.95 31.34 -2.06
CA VAL B 154 4.58 32.66 -1.91
C VAL B 154 5.94 32.50 -1.24
N ARG B 155 6.91 33.27 -1.70
CA ARG B 155 8.27 33.17 -1.15
C ARG B 155 8.92 34.53 -1.01
N VAL B 156 9.75 34.68 0.02
CA VAL B 156 10.55 35.88 0.19
C VAL B 156 11.85 35.73 -0.61
N VAL B 157 12.16 36.75 -1.41
CA VAL B 157 13.40 36.73 -2.17
C VAL B 157 14.58 37.13 -1.28
N PRO B 158 15.61 36.28 -1.21
CA PRO B 158 16.81 36.62 -0.46
C PRO B 158 17.47 37.88 -1.04
N ASN B 159 18.10 38.68 -0.18
CA ASN B 159 18.78 39.89 -0.62
C ASN B 159 20.06 40.18 0.17
N SER B 166 14.00 46.62 3.04
CA SER B 166 13.47 46.41 1.70
C SER B 166 13.25 44.93 1.42
N VAL B 167 11.98 44.52 1.37
CA VAL B 167 11.64 43.13 1.15
C VAL B 167 10.91 42.93 -0.17
N THR B 168 11.32 41.92 -0.92
CA THR B 168 10.62 41.53 -2.15
C THR B 168 10.08 40.12 -1.99
N ILE B 169 8.85 39.89 -2.44
CA ILE B 169 8.27 38.56 -2.42
C ILE B 169 7.76 38.15 -3.80
N ILE B 170 7.62 36.85 -4.01
CA ILE B 170 7.15 36.32 -5.28
C ILE B 170 6.03 35.32 -5.06
N SER B 171 5.09 35.29 -5.99
CA SER B 171 3.94 34.41 -5.85
C SER B 171 3.57 33.80 -7.19
N ALA B 172 2.95 32.63 -7.13
CA ALA B 172 2.42 31.99 -8.32
C ALA B 172 1.05 31.44 -7.98
N GLY B 173 0.21 31.29 -8.99
CA GLY B 173 -1.14 30.82 -8.78
C GLY B 173 -1.71 30.11 -9.98
N ASN B 174 -2.99 29.76 -9.90
CA ASN B 174 -3.67 29.07 -10.97
C ASN B 174 -4.20 30.02 -12.04
N ASP B 175 -3.77 31.28 -11.97
CA ASP B 175 -4.07 32.24 -13.03
C ASP B 175 -2.91 32.31 -14.01
N LYS B 176 -1.97 31.37 -13.88
CA LYS B 176 -0.85 31.24 -14.80
C LYS B 176 0.15 32.39 -14.69
N MSE B 177 0.05 33.16 -13.61
CA MSE B 177 0.93 34.31 -13.43
C MSE B 177 1.96 34.08 -12.33
O MSE B 177 1.66 33.49 -11.29
CB MSE B 177 0.11 35.56 -13.11
CG MSE B 177 -0.80 36.03 -14.24
SE MSE B 177 0.19 36.64 -15.79
CE MSE B 177 1.34 37.95 -14.92
N VAL B 178 3.18 34.54 -12.58
CA VAL B 178 4.18 34.68 -11.54
C VAL B 178 4.35 36.17 -11.27
N LYS B 179 4.25 36.56 -10.00
CA LYS B 179 4.29 37.96 -9.64
C LYS B 179 5.35 38.25 -8.59
N ALA B 180 6.03 39.37 -8.73
CA ALA B 180 6.92 39.87 -7.70
C ALA B 180 6.27 41.10 -7.08
N TRP B 181 6.36 41.22 -5.76
CA TRP B 181 5.76 42.35 -5.04
C TRP B 181 6.78 43.07 -4.19
N ASN B 182 6.66 44.39 -4.12
CA ASN B 182 7.46 45.20 -3.22
C ASN B 182 6.70 45.40 -1.91
N LEU B 183 7.19 44.81 -0.83
CA LEU B 183 6.51 44.88 0.46
C LEU B 183 6.56 46.25 1.09
N ASN B 184 7.50 47.09 0.65
CA ASN B 184 7.59 48.46 1.13
C ASN B 184 6.49 49.33 0.54
N GLN B 185 5.81 48.80 -0.48
CA GLN B 185 4.77 49.54 -1.17
C GLN B 185 3.47 48.75 -1.20
N PHE B 186 3.53 47.50 -0.76
CA PHE B 186 2.40 46.58 -0.87
C PHE B 186 1.85 46.55 -2.29
N GLN B 187 2.75 46.70 -3.26
CA GLN B 187 2.32 46.77 -4.66
C GLN B 187 3.14 45.85 -5.57
N ILE B 188 2.51 45.43 -6.67
CA ILE B 188 3.17 44.60 -7.66
C ILE B 188 4.39 45.33 -8.21
N GLU B 189 5.46 44.57 -8.45
CA GLU B 189 6.69 45.14 -9.00
C GLU B 189 6.95 44.62 -10.40
N ALA B 190 6.45 43.41 -10.69
CA ALA B 190 6.63 42.80 -11.99
C ALA B 190 5.62 41.68 -12.24
N ASP B 191 5.14 41.60 -13.48
CA ASP B 191 4.32 40.49 -13.92
C ASP B 191 5.14 39.57 -14.82
N PHE B 192 5.24 38.30 -14.45
CA PHE B 192 5.97 37.34 -15.26
C PHE B 192 5.01 36.44 -16.02
N ILE B 193 4.86 36.72 -17.31
CA ILE B 193 3.91 36.00 -18.15
C ILE B 193 4.63 34.94 -18.97
N GLY B 194 4.02 33.76 -19.11
CA GLY B 194 4.61 32.73 -19.93
C GLY B 194 4.20 31.31 -19.63
N HIS B 195 3.56 31.12 -18.47
CA HIS B 195 3.06 29.80 -18.09
C HIS B 195 1.73 29.50 -18.76
N ASN B 196 1.59 28.27 -19.25
CA ASN B 196 0.39 27.83 -19.95
C ASN B 196 -0.47 26.90 -19.11
N SER B 197 -0.01 26.57 -17.92
CA SER B 197 -0.78 25.70 -17.02
C SER B 197 -0.71 26.21 -15.58
N ASN B 198 -1.46 25.57 -14.71
CA ASN B 198 -1.41 25.88 -13.29
C ASN B 198 0.01 25.80 -12.76
N ILE B 199 0.39 26.77 -11.94
CA ILE B 199 1.72 26.78 -11.33
C ILE B 199 1.63 26.28 -9.89
N ASN B 200 2.32 25.19 -9.60
CA ASN B 200 2.28 24.60 -8.26
C ASN B 200 3.33 25.18 -7.32
N THR B 201 4.47 25.59 -7.87
CA THR B 201 5.60 25.94 -7.04
C THR B 201 6.50 26.97 -7.71
N LEU B 202 7.12 27.81 -6.89
CA LEU B 202 8.15 28.72 -7.37
C LEU B 202 9.17 28.94 -6.27
N THR B 203 10.36 29.36 -6.65
CA THR B 203 11.42 29.60 -5.69
C THR B 203 12.44 30.58 -6.25
N ALA B 204 13.08 31.32 -5.36
CA ALA B 204 14.11 32.26 -5.76
C ALA B 204 15.48 31.65 -5.47
N SER B 205 16.45 31.96 -6.32
CA SER B 205 17.82 31.49 -6.10
C SER B 205 18.38 32.14 -4.83
N PRO B 206 19.37 31.49 -4.21
CA PRO B 206 19.97 31.99 -2.98
C PRO B 206 20.54 33.41 -3.10
N ASP B 207 20.98 33.79 -4.28
CA ASP B 207 21.53 35.14 -4.47
C ASP B 207 20.44 36.14 -4.87
N GLY B 208 19.21 35.66 -4.97
CA GLY B 208 18.07 36.52 -5.23
C GLY B 208 17.95 37.07 -6.63
N THR B 209 18.71 36.49 -7.57
CA THR B 209 18.72 36.98 -8.94
C THR B 209 17.77 36.22 -9.86
N LEU B 210 17.43 34.98 -9.48
CA LEU B 210 16.63 34.13 -10.35
C LEU B 210 15.33 33.66 -9.70
N ILE B 211 14.31 33.51 -10.54
CA ILE B 211 13.08 32.84 -10.13
C ILE B 211 12.89 31.58 -10.96
N ALA B 212 12.56 30.48 -10.30
CA ALA B 212 12.17 29.27 -10.99
C ALA B 212 10.73 28.94 -10.62
N SER B 213 9.92 28.62 -11.60
CA SER B 213 8.51 28.33 -11.38
C SER B 213 8.05 27.19 -12.29
N ALA B 214 7.10 26.39 -11.82
CA ALA B 214 6.64 25.23 -12.57
C ALA B 214 5.33 24.67 -12.02
N GLY B 215 4.62 23.94 -12.87
CA GLY B 215 3.36 23.34 -12.48
C GLY B 215 2.94 22.15 -13.32
N LYS B 216 1.68 22.14 -13.72
CA LYS B 216 1.03 20.98 -14.31
C LYS B 216 1.74 20.40 -15.54
N ASP B 217 2.18 21.26 -16.46
CA ASP B 217 2.73 20.79 -17.72
C ASP B 217 4.22 20.47 -17.65
N GLY B 218 4.80 20.56 -16.45
CA GLY B 218 6.18 20.20 -16.24
C GLY B 218 7.21 21.18 -16.78
N GLU B 219 6.75 22.31 -17.30
CA GLU B 219 7.65 23.33 -17.82
C GLU B 219 8.21 24.20 -16.69
N ILE B 220 9.51 24.11 -16.49
CA ILE B 220 10.18 24.90 -15.45
C ILE B 220 10.75 26.17 -16.06
N MSE B 221 10.11 27.29 -15.76
CA MSE B 221 10.55 28.57 -16.33
C MSE B 221 11.51 29.30 -15.40
O MSE B 221 11.27 29.41 -14.20
CB MSE B 221 9.35 29.44 -16.69
CG MSE B 221 8.40 28.75 -17.65
SE MSE B 221 6.98 29.91 -18.33
CE MSE B 221 8.08 31.09 -19.43
N LEU B 222 12.61 29.77 -15.97
CA LEU B 222 13.59 30.57 -15.23
C LEU B 222 13.45 32.03 -15.63
N TRP B 223 13.35 32.91 -14.63
CA TRP B 223 13.17 34.34 -14.89
C TRP B 223 14.31 35.16 -14.32
N ASN B 224 14.71 36.19 -15.04
CA ASN B 224 15.62 37.19 -14.51
C ASN B 224 14.82 38.23 -13.74
N LEU B 225 14.93 38.21 -12.43
CA LEU B 225 14.10 39.06 -11.57
C LEU B 225 14.30 40.56 -11.79
N ALA B 226 15.56 40.99 -11.81
CA ALA B 226 15.88 42.40 -11.99
C ALA B 226 15.49 42.90 -13.37
N ALA B 227 15.69 42.06 -14.38
CA ALA B 227 15.38 42.44 -15.75
C ALA B 227 13.90 42.25 -16.06
N LYS B 228 13.19 41.61 -15.12
CA LYS B 228 11.78 41.33 -15.32
C LYS B 228 11.54 40.63 -16.65
N LYS B 229 12.36 39.64 -16.95
CA LYS B 229 12.27 38.92 -18.22
C LYS B 229 12.50 37.42 -18.07
N ALA B 230 11.73 36.65 -18.82
CA ALA B 230 11.95 35.22 -18.93
C ALA B 230 13.32 34.98 -19.53
N MSE B 231 13.99 33.91 -19.10
CA MSE B 231 15.29 33.55 -19.63
C MSE B 231 15.16 32.33 -20.53
O MSE B 231 15.37 32.40 -21.74
CB MSE B 231 16.28 33.28 -18.50
CG MSE B 231 16.74 34.53 -17.76
SE MSE B 231 17.49 34.15 -16.00
CE MSE B 231 18.19 32.37 -16.35
N TYR B 232 14.82 31.19 -19.92
CA TYR B 232 14.62 29.95 -20.65
C TYR B 232 13.70 29.03 -19.86
N THR B 233 13.29 27.93 -20.49
CA THR B 233 12.44 26.95 -19.84
C THR B 233 13.09 25.57 -19.88
N LEU B 234 12.99 24.86 -18.76
CA LEU B 234 13.50 23.50 -18.68
C LEU B 234 12.33 22.52 -18.67
N SER B 235 12.41 21.50 -19.52
CA SER B 235 11.33 20.53 -19.63
C SER B 235 11.49 19.41 -18.61
N ALA B 236 10.55 19.33 -17.67
CA ALA B 236 10.54 18.24 -16.70
C ALA B 236 9.57 17.14 -17.11
N GLN B 237 8.82 17.40 -18.19
CA GLN B 237 7.90 16.42 -18.78
C GLN B 237 6.61 16.21 -17.97
N ASP B 238 6.78 15.85 -16.70
CA ASP B 238 5.63 15.57 -15.84
C ASP B 238 5.39 16.69 -14.84
N GLU B 239 4.20 16.71 -14.25
CA GLU B 239 3.82 17.77 -13.31
C GLU B 239 4.86 17.99 -12.21
N VAL B 240 5.24 19.24 -12.00
CA VAL B 240 6.20 19.59 -10.96
C VAL B 240 5.49 20.10 -9.70
N PHE B 241 5.82 19.51 -8.56
CA PHE B 241 5.16 19.84 -7.30
C PHE B 241 6.00 20.72 -6.40
N SER B 242 7.32 20.69 -6.60
CA SER B 242 8.23 21.44 -5.74
C SER B 242 9.54 21.76 -6.47
N LEU B 243 10.07 22.95 -6.20
CA LEU B 243 11.36 23.38 -6.76
C LEU B 243 12.27 23.86 -5.64
N ALA B 244 13.55 23.51 -5.72
CA ALA B 244 14.50 23.94 -4.71
C ALA B 244 15.90 24.08 -5.27
N PHE B 245 16.40 25.32 -5.28
CA PHE B 245 17.79 25.58 -5.65
C PHE B 245 18.71 25.06 -4.55
N SER B 246 19.82 24.47 -4.96
CA SER B 246 20.87 24.11 -4.01
C SER B 246 21.41 25.38 -3.37
N PRO B 247 21.81 25.31 -2.10
CA PRO B 247 22.35 26.47 -1.40
C PRO B 247 23.76 26.82 -1.89
N ASN B 248 24.50 25.84 -2.37
CA ASN B 248 25.91 26.04 -2.72
C ASN B 248 26.30 25.63 -4.14
N ARG B 249 25.45 24.87 -4.81
CA ARG B 249 25.71 24.47 -6.19
C ARG B 249 24.73 25.17 -7.13
N TYR B 250 25.11 25.26 -8.40
CA TYR B 250 24.20 25.76 -9.42
C TYR B 250 23.27 24.63 -9.84
N TRP B 251 22.55 24.08 -8.88
CA TRP B 251 21.63 22.99 -9.11
C TRP B 251 20.21 23.39 -8.79
N LEU B 252 19.26 22.79 -9.51
CA LEU B 252 17.84 23.01 -9.26
C LEU B 252 17.12 21.68 -9.23
N ALA B 253 16.55 21.34 -8.08
CA ALA B 253 15.81 20.09 -7.95
C ALA B 253 14.34 20.33 -8.18
N ALA B 254 13.70 19.41 -8.90
CA ALA B 254 12.28 19.49 -9.19
C ALA B 254 11.62 18.17 -8.86
N ALA B 255 10.71 18.19 -7.90
CA ALA B 255 9.91 17.02 -7.58
C ALA B 255 8.78 16.91 -8.59
N THR B 256 8.77 15.80 -9.34
CA THR B 256 7.76 15.60 -10.38
C THR B 256 7.00 14.30 -10.14
N ALA B 257 5.94 14.10 -10.91
CA ALA B 257 5.07 12.94 -10.74
C ALA B 257 5.76 11.60 -11.03
N THR B 258 6.91 11.65 -11.71
CA THR B 258 7.60 10.43 -12.10
C THR B 258 8.97 10.29 -11.46
N GLY B 259 9.39 11.32 -10.71
CA GLY B 259 10.66 11.29 -10.04
C GLY B 259 11.19 12.68 -9.75
N ILE B 260 12.36 12.75 -9.12
CA ILE B 260 12.97 14.03 -8.80
C ILE B 260 14.09 14.35 -9.77
N LYS B 261 13.84 15.28 -10.68
CA LYS B 261 14.86 15.72 -11.63
C LYS B 261 15.76 16.78 -11.01
N VAL B 262 17.06 16.52 -11.01
CA VAL B 262 18.04 17.48 -10.52
C VAL B 262 18.83 18.07 -11.68
N PHE B 263 18.56 19.34 -11.98
CA PHE B 263 19.20 20.02 -13.10
C PHE B 263 20.45 20.77 -12.67
N SER B 264 21.51 20.63 -13.45
CA SER B 264 22.65 21.52 -13.35
C SER B 264 22.42 22.66 -14.33
N LEU B 265 22.49 23.90 -13.84
CA LEU B 265 22.22 25.05 -14.68
C LEU B 265 23.50 25.61 -15.30
N ASP B 266 24.64 25.28 -14.70
CA ASP B 266 25.92 25.79 -15.17
C ASP B 266 27.02 24.76 -14.95
N PRO B 267 27.36 23.99 -16.00
CA PRO B 267 26.68 24.04 -17.31
C PRO B 267 25.33 23.37 -17.28
N GLN B 268 24.56 23.51 -18.35
CA GLN B 268 23.23 22.91 -18.44
C GLN B 268 23.31 21.41 -18.75
N TYR B 269 22.83 20.61 -17.81
CA TYR B 269 22.66 19.17 -18.04
C TYR B 269 21.89 18.58 -16.87
N LEU B 270 21.35 17.39 -17.07
CA LEU B 270 20.60 16.70 -16.03
C LEU B 270 21.55 15.94 -15.11
N VAL B 271 21.63 16.36 -13.85
CA VAL B 271 22.44 15.67 -12.86
C VAL B 271 21.91 14.28 -12.60
N ASP B 272 20.59 14.16 -12.45
CA ASP B 272 19.97 12.87 -12.21
C ASP B 272 18.43 12.94 -12.23
N ASP B 273 17.81 11.77 -12.38
CA ASP B 273 16.37 11.62 -12.28
C ASP B 273 16.10 10.57 -11.20
N LEU B 274 15.87 11.04 -9.98
CA LEU B 274 15.73 10.16 -8.82
C LEU B 274 14.38 9.46 -8.80
N ARG B 275 14.40 8.13 -8.95
CA ARG B 275 13.18 7.33 -8.95
C ARG B 275 13.33 6.09 -8.09
N PRO B 276 12.89 6.18 -6.83
CA PRO B 276 13.01 5.05 -5.89
C PRO B 276 12.11 3.91 -6.31
N GLU B 277 12.52 2.67 -6.04
CA GLU B 277 11.66 1.54 -6.32
C GLU B 277 10.58 1.45 -5.26
N PHE B 278 9.35 1.15 -5.68
CA PHE B 278 8.25 1.02 -4.73
C PHE B 278 7.75 -0.41 -4.64
N ALA B 279 7.65 -0.91 -3.41
CA ALA B 279 7.32 -2.31 -3.16
C ALA B 279 5.84 -2.61 -3.35
N GLY B 280 5.49 -3.11 -4.52
CA GLY B 280 4.12 -3.52 -4.80
C GLY B 280 3.17 -2.37 -5.09
N TYR B 281 3.51 -1.57 -6.09
CA TYR B 281 2.63 -0.52 -6.59
C TYR B 281 2.46 -0.66 -8.10
N SER B 282 1.27 -0.34 -8.60
CA SER B 282 1.06 -0.30 -10.03
C SER B 282 1.89 0.85 -10.61
N LYS B 283 2.23 0.76 -11.89
CA LYS B 283 3.01 1.80 -12.54
C LYS B 283 2.30 3.15 -12.43
N ALA B 284 0.98 3.11 -12.49
CA ALA B 284 0.18 4.33 -12.41
C ALA B 284 -0.19 4.66 -10.97
N ALA B 285 0.11 3.74 -10.06
CA ALA B 285 -0.22 3.93 -8.65
C ALA B 285 1.00 4.29 -7.81
N GLU B 286 2.16 4.36 -8.46
CA GLU B 286 3.40 4.67 -7.76
C GLU B 286 3.32 6.02 -7.05
N PRO B 287 3.77 6.06 -5.79
CA PRO B 287 3.82 7.33 -5.05
C PRO B 287 4.80 8.27 -5.73
N HIS B 288 4.70 9.57 -5.46
CA HIS B 288 5.70 10.51 -5.95
C HIS B 288 5.98 11.62 -4.96
N ALA B 289 7.09 12.32 -5.18
CA ALA B 289 7.53 13.39 -4.30
C ALA B 289 6.72 14.65 -4.56
N VAL B 290 6.31 15.32 -3.50
CA VAL B 290 5.56 16.56 -3.61
C VAL B 290 6.19 17.66 -2.78
N SER B 291 7.36 17.39 -2.22
CA SER B 291 8.04 18.35 -1.38
C SER B 291 9.56 18.12 -1.38
N LEU B 292 10.32 19.20 -1.31
CA LEU B 292 11.78 19.13 -1.32
C LEU B 292 12.42 20.08 -0.33
N ALA B 293 13.62 19.72 0.12
CA ALA B 293 14.44 20.61 0.93
C ALA B 293 15.90 20.18 0.89
N TRP B 294 16.81 21.12 0.64
CA TRP B 294 18.23 20.85 0.74
C TRP B 294 18.66 21.13 2.18
N SER B 295 19.65 20.38 2.66
CA SER B 295 20.28 20.71 3.93
C SER B 295 21.05 22.02 3.75
N ALA B 296 21.43 22.64 4.86
CA ALA B 296 22.14 23.90 4.83
C ALA B 296 23.45 23.80 4.06
N ASP B 297 24.12 22.65 4.14
CA ASP B 297 25.41 22.49 3.49
C ASP B 297 25.27 21.97 2.06
N GLY B 298 24.05 21.69 1.65
CA GLY B 298 23.77 21.28 0.28
C GLY B 298 24.19 19.86 -0.06
N GLN B 299 24.57 19.09 0.96
CA GLN B 299 25.04 17.73 0.74
C GLN B 299 23.91 16.72 0.87
N THR B 300 22.77 17.17 1.38
CA THR B 300 21.63 16.29 1.56
C THR B 300 20.37 16.87 0.93
N LEU B 301 19.61 16.00 0.26
CA LEU B 301 18.33 16.40 -0.33
C LEU B 301 17.19 15.58 0.25
N PHE B 302 16.23 16.25 0.87
CA PHE B 302 15.07 15.59 1.44
C PHE B 302 13.88 15.74 0.51
N ALA B 303 13.05 14.70 0.42
CA ALA B 303 11.86 14.74 -0.41
C ALA B 303 10.71 13.99 0.25
N GLY B 304 9.58 14.66 0.41
CA GLY B 304 8.39 14.06 0.99
C GLY B 304 7.53 13.44 -0.09
N TYR B 305 6.89 12.33 0.24
CA TYR B 305 6.16 11.55 -0.76
C TYR B 305 4.68 11.35 -0.43
N THR B 306 3.91 10.94 -1.42
CA THR B 306 2.49 10.68 -1.25
C THR B 306 2.23 9.39 -0.46
N ASP B 307 3.30 8.67 -0.12
CA ASP B 307 3.15 7.47 0.70
C ASP B 307 3.54 7.75 2.15
N ASN B 308 3.54 9.03 2.51
CA ASN B 308 3.76 9.47 3.90
C ASN B 308 5.22 9.38 4.37
N VAL B 309 6.11 9.00 3.46
CA VAL B 309 7.50 8.82 3.83
C VAL B 309 8.40 9.95 3.31
N ILE B 310 9.45 10.26 4.05
CA ILE B 310 10.47 11.17 3.57
C ILE B 310 11.68 10.35 3.15
N ARG B 311 12.21 10.63 1.97
CA ARG B 311 13.39 9.94 1.48
C ARG B 311 14.59 10.88 1.43
N VAL B 312 15.78 10.33 1.68
CA VAL B 312 16.97 11.15 1.88
C VAL B 312 18.09 10.76 0.92
N TRP B 313 18.48 11.69 0.05
CA TRP B 313 19.62 11.48 -0.83
C TRP B 313 20.80 12.30 -0.36
N GLN B 314 22.00 11.77 -0.53
CA GLN B 314 23.21 12.48 -0.17
C GLN B 314 24.16 12.55 -1.36
N VAL B 315 24.81 13.69 -1.51
CA VAL B 315 25.84 13.82 -2.53
C VAL B 315 27.07 13.06 -2.07
N MSE B 316 27.44 12.03 -2.82
CA MSE B 316 28.60 11.23 -2.48
C MSE B 316 29.53 11.09 -3.68
O MSE B 316 29.11 11.30 -4.82
CB MSE B 316 28.17 9.85 -1.98
CG MSE B 316 27.12 9.89 -0.90
SE MSE B 316 26.61 8.12 -0.24
CE MSE B 316 28.20 7.73 0.82
N THR B 317 30.79 10.74 -3.43
CA THR B 317 31.73 10.52 -4.52
C THR B 317 31.47 9.16 -5.15
N ALA B 318 31.61 9.09 -6.46
CA ALA B 318 31.29 7.86 -7.20
C ALA B 318 32.37 6.79 -7.01
N ASN B 319 33.63 7.17 -7.22
CA ASN B 319 34.73 6.22 -7.14
C ASN B 319 35.50 6.32 -5.82
N GLU C 5 15.58 -26.58 6.91
CA GLU C 5 14.50 -25.60 7.05
C GLU C 5 13.33 -26.07 7.90
N VAL C 6 12.88 -25.20 8.79
CA VAL C 6 11.85 -25.52 9.77
C VAL C 6 10.70 -24.52 9.75
N LEU C 7 9.54 -24.98 10.20
CA LEU C 7 8.37 -24.14 10.38
C LEU C 7 8.14 -23.93 11.87
N VAL C 8 8.05 -22.67 12.28
CA VAL C 8 7.93 -22.36 13.70
C VAL C 8 6.61 -21.66 14.00
N LEU C 9 5.92 -22.09 15.04
CA LEU C 9 4.64 -21.48 15.41
C LEU C 9 4.88 -20.07 15.94
N ARG C 10 4.35 -19.09 15.22
CA ARG C 10 4.63 -17.68 15.52
C ARG C 10 3.54 -17.02 16.36
N GLY C 11 2.29 -17.42 16.13
CA GLY C 11 1.18 -16.84 16.87
C GLY C 11 -0.16 -17.40 16.46
N THR C 12 -1.22 -16.77 16.97
CA THR C 12 -2.57 -17.18 16.66
C THR C 12 -3.41 -15.98 16.25
N LEU C 13 -4.55 -16.26 15.63
CA LEU C 13 -5.51 -15.23 15.27
C LEU C 13 -6.87 -15.63 15.81
N GLU C 14 -7.30 -14.96 16.89
CA GLU C 14 -8.54 -15.29 17.56
C GLU C 14 -9.58 -14.29 17.08
N GLY C 15 -10.84 -14.74 17.01
CA GLY C 15 -11.90 -13.88 16.54
C GLY C 15 -13.13 -14.61 16.04
N HIS C 16 -12.93 -15.85 15.58
CA HIS C 16 -14.06 -16.66 15.14
C HIS C 16 -14.69 -17.43 16.30
N ASN C 17 -15.94 -17.81 16.15
CA ASN C 17 -16.65 -18.55 17.17
C ASN C 17 -17.10 -19.92 16.66
N GLY C 18 -16.42 -20.39 15.61
CA GLY C 18 -16.67 -21.69 15.04
C GLY C 18 -15.48 -22.13 14.21
N TRP C 19 -15.49 -23.39 13.78
CA TRP C 19 -14.41 -23.92 12.94
C TRP C 19 -13.99 -22.91 11.88
N VAL C 20 -12.68 -22.69 11.75
CA VAL C 20 -12.18 -21.88 10.65
C VAL C 20 -12.03 -22.76 9.41
N THR C 21 -13.03 -22.71 8.54
CA THR C 21 -13.18 -23.66 7.44
C THR C 21 -12.34 -23.33 6.20
N SER C 22 -11.98 -22.07 6.04
CA SER C 22 -11.26 -21.64 4.84
C SER C 22 -10.40 -20.42 5.11
N LEU C 23 -9.29 -20.32 4.37
CA LEU C 23 -8.36 -19.20 4.49
C LEU C 23 -7.95 -18.72 3.10
N ALA C 24 -7.70 -17.43 2.95
CA ALA C 24 -7.27 -16.88 1.68
C ALA C 24 -6.34 -15.69 1.87
N THR C 25 -5.29 -15.62 1.05
CA THR C 25 -4.36 -14.51 1.04
C THR C 25 -4.34 -13.89 -0.35
N SER C 26 -3.68 -12.75 -0.50
CA SER C 26 -3.57 -12.12 -1.81
C SER C 26 -2.19 -11.51 -2.05
N ALA C 27 -1.72 -11.62 -3.29
CA ALA C 27 -0.43 -11.05 -3.66
C ALA C 27 -0.49 -9.53 -3.60
N GLY C 28 -1.65 -8.97 -3.94
CA GLY C 28 -1.83 -7.53 -3.91
C GLY C 28 -1.67 -6.95 -2.51
N GLN C 29 -2.17 -7.68 -1.51
CA GLN C 29 -2.14 -7.21 -0.14
C GLN C 29 -1.53 -8.25 0.80
N PRO C 30 -0.20 -8.37 0.77
CA PRO C 30 0.54 -9.35 1.57
C PRO C 30 0.18 -9.30 3.06
N ASN C 31 -0.36 -8.17 3.52
CA ASN C 31 -0.71 -8.01 4.93
C ASN C 31 -2.19 -8.28 5.24
N LEU C 32 -2.91 -8.81 4.27
CA LEU C 32 -4.32 -9.11 4.44
C LEU C 32 -4.60 -10.60 4.47
N LEU C 33 -5.38 -11.05 5.44
CA LEU C 33 -5.84 -12.43 5.48
C LEU C 33 -7.36 -12.48 5.57
N LEU C 34 -7.96 -13.39 4.81
CA LEU C 34 -9.40 -13.61 4.88
C LEU C 34 -9.68 -15.01 5.42
N SER C 35 -10.64 -15.12 6.33
CA SER C 35 -11.01 -16.39 6.93
C SER C 35 -12.51 -16.60 6.94
N ALA C 36 -12.94 -17.84 6.71
CA ALA C 36 -14.36 -18.18 6.78
C ALA C 36 -14.60 -19.17 7.92
N SER C 37 -15.81 -19.20 8.45
CA SER C 37 -16.08 -19.98 9.66
C SER C 37 -17.48 -20.59 9.73
N ARG C 38 -17.62 -21.61 10.58
CA ARG C 38 -18.93 -22.20 10.84
C ARG C 38 -19.78 -21.25 11.67
N ASP C 39 -19.20 -20.13 12.10
CA ASP C 39 -19.96 -19.10 12.80
C ASP C 39 -20.72 -18.22 11.82
N LYS C 40 -20.75 -18.65 10.56
CA LYS C 40 -21.53 -18.00 9.50
C LYS C 40 -20.94 -16.69 8.99
N THR C 41 -19.70 -16.40 9.37
CA THR C 41 -19.09 -15.13 8.98
C THR C 41 -17.72 -15.31 8.37
N LEU C 42 -17.23 -14.26 7.74
CA LEU C 42 -15.84 -14.18 7.33
C LEU C 42 -15.19 -13.04 8.10
N ILE C 43 -13.88 -13.13 8.31
CA ILE C 43 -13.14 -12.04 8.92
C ILE C 43 -11.92 -11.71 8.09
N SER C 44 -11.71 -10.42 7.85
CA SER C 44 -10.46 -9.96 7.28
C SER C 44 -9.53 -9.61 8.44
N TRP C 45 -8.25 -9.93 8.29
CA TRP C 45 -7.28 -9.67 9.35
C TRP C 45 -6.18 -8.76 8.83
N LYS C 46 -5.73 -7.86 9.69
CA LYS C 46 -4.53 -7.08 9.40
C LYS C 46 -3.35 -7.80 10.05
N LEU C 47 -2.38 -8.19 9.24
CA LEU C 47 -1.22 -8.92 9.74
C LEU C 47 -0.09 -7.97 10.11
N THR C 48 0.35 -8.03 11.37
CA THR C 48 1.47 -7.22 11.82
C THR C 48 2.69 -8.11 12.07
N GLY C 49 2.44 -9.33 12.51
CA GLY C 49 3.49 -10.28 12.81
C GLY C 49 4.38 -9.79 13.95
N ASP C 50 3.73 -9.39 15.06
CA ASP C 50 4.45 -8.68 16.11
C ASP C 50 4.09 -9.22 17.49
N ASP C 51 5.13 -9.54 18.28
CA ASP C 51 4.95 -10.25 19.53
C ASP C 51 3.95 -11.40 19.38
N GLN C 52 2.93 -11.39 20.22
CA GLN C 52 1.91 -12.43 20.19
C GLN C 52 0.52 -11.84 20.02
N LYS C 53 0.38 -10.92 19.07
CA LYS C 53 -0.84 -10.82 18.29
C LYS C 53 -0.33 -10.68 16.86
N PHE C 54 -0.19 -11.79 16.16
CA PHE C 54 0.34 -11.78 14.81
C PHE C 54 -0.47 -10.84 13.94
N GLY C 55 -1.74 -10.65 14.30
CA GLY C 55 -2.60 -9.75 13.57
C GLY C 55 -3.90 -9.52 14.31
N VAL C 56 -4.73 -8.63 13.77
CA VAL C 56 -6.00 -8.30 14.40
C VAL C 56 -7.12 -8.30 13.37
N PRO C 57 -8.36 -8.56 13.82
CA PRO C 57 -9.53 -8.52 12.95
C PRO C 57 -9.86 -7.08 12.56
N VAL C 58 -10.14 -6.84 11.29
CA VAL C 58 -10.46 -5.49 10.82
C VAL C 58 -11.91 -5.37 10.35
N ARG C 59 -12.42 -6.41 9.70
CA ARG C 59 -13.80 -6.41 9.24
C ARG C 59 -14.46 -7.76 9.50
N SER C 60 -15.72 -7.72 9.90
CA SER C 60 -16.53 -8.93 9.99
C SER C 60 -17.52 -8.95 8.83
N PHE C 61 -17.62 -10.08 8.16
CA PHE C 61 -18.51 -10.21 7.01
C PHE C 61 -19.72 -11.07 7.35
N LYS C 62 -20.83 -10.41 7.65
CA LYS C 62 -22.04 -11.11 8.07
C LYS C 62 -23.12 -11.03 7.00
N GLY C 63 -23.95 -12.06 6.91
CA GLY C 63 -25.04 -12.06 5.96
C GLY C 63 -25.50 -13.47 5.60
N HIS C 64 -24.55 -14.40 5.57
CA HIS C 64 -24.89 -15.80 5.36
C HIS C 64 -25.70 -16.32 6.54
N SER C 65 -26.66 -17.18 6.27
CA SER C 65 -27.53 -17.72 7.30
C SER C 65 -27.12 -19.14 7.70
N HIS C 66 -25.94 -19.55 7.25
CA HIS C 66 -25.43 -20.87 7.57
C HIS C 66 -23.91 -20.89 7.50
N ILE C 67 -23.33 -22.06 7.74
CA ILE C 67 -21.88 -22.25 7.67
C ILE C 67 -21.29 -21.70 6.38
N VAL C 68 -20.20 -20.96 6.51
CA VAL C 68 -19.43 -20.58 5.35
C VAL C 68 -18.32 -21.61 5.18
N GLN C 69 -18.30 -22.27 4.04
CA GLN C 69 -17.41 -23.42 3.83
C GLN C 69 -16.11 -23.02 3.15
N ASP C 70 -16.19 -22.08 2.22
CA ASP C 70 -15.03 -21.71 1.41
C ASP C 70 -15.02 -20.21 1.14
N CYS C 71 -13.85 -19.67 0.88
CA CYS C 71 -13.72 -18.25 0.54
C CYS C 71 -12.44 -18.01 -0.24
N THR C 72 -12.39 -16.87 -0.91
CA THR C 72 -11.19 -16.50 -1.65
C THR C 72 -11.18 -15.00 -1.90
N LEU C 73 -10.01 -14.47 -2.22
CA LEU C 73 -9.86 -13.04 -2.50
C LEU C 73 -9.49 -12.84 -3.96
N THR C 74 -9.84 -11.68 -4.51
CA THR C 74 -9.39 -11.32 -5.83
C THR C 74 -7.90 -11.03 -5.78
N ALA C 75 -7.24 -11.06 -6.93
CA ALA C 75 -5.80 -10.86 -7.00
C ALA C 75 -5.37 -9.59 -6.25
N ASP C 76 -6.15 -8.53 -6.40
CA ASP C 76 -5.81 -7.24 -5.79
C ASP C 76 -6.20 -7.16 -4.31
N GLY C 77 -7.04 -8.08 -3.87
CA GLY C 77 -7.48 -8.11 -2.47
C GLY C 77 -8.68 -7.22 -2.21
N ALA C 78 -9.22 -6.63 -3.28
CA ALA C 78 -10.34 -5.71 -3.15
C ALA C 78 -11.67 -6.40 -2.84
N TYR C 79 -11.81 -7.65 -3.32
CA TYR C 79 -13.08 -8.35 -3.19
C TYR C 79 -12.94 -9.76 -2.62
N ALA C 80 -13.97 -10.20 -1.92
CA ALA C 80 -14.01 -11.53 -1.32
C ALA C 80 -15.19 -12.33 -1.84
N LEU C 81 -15.00 -13.63 -2.02
CA LEU C 81 -16.07 -14.53 -2.40
C LEU C 81 -16.26 -15.57 -1.31
N SER C 82 -17.51 -15.96 -1.07
CA SER C 82 -17.82 -16.93 -0.03
C SER C 82 -18.84 -17.96 -0.51
N ALA C 83 -18.65 -19.22 -0.12
CA ALA C 83 -19.60 -20.28 -0.41
C ALA C 83 -20.20 -20.79 0.88
N SER C 84 -21.53 -20.90 0.94
CA SER C 84 -22.21 -21.23 2.18
C SER C 84 -23.17 -22.40 2.09
N TRP C 85 -23.38 -23.07 3.22
CA TRP C 85 -24.35 -24.16 3.32
C TRP C 85 -25.76 -23.63 3.09
N ASP C 86 -25.92 -22.30 3.11
CA ASP C 86 -27.23 -21.70 2.89
C ASP C 86 -27.61 -21.72 1.41
N LYS C 87 -26.82 -22.43 0.61
CA LYS C 87 -27.10 -22.63 -0.81
C LYS C 87 -26.69 -21.46 -1.70
N THR C 88 -26.04 -20.46 -1.11
CA THR C 88 -25.69 -19.27 -1.88
C THR C 88 -24.21 -18.93 -1.79
N LEU C 89 -23.73 -18.12 -2.74
CA LEU C 89 -22.44 -17.50 -2.62
C LEU C 89 -22.65 -15.99 -2.49
N ARG C 90 -21.65 -15.30 -1.95
CA ARG C 90 -21.69 -13.86 -1.86
C ARG C 90 -20.36 -13.24 -2.30
N LEU C 91 -20.45 -12.13 -3.03
CA LEU C 91 -19.30 -11.31 -3.36
C LEU C 91 -19.27 -10.14 -2.38
N TRP C 92 -18.16 -9.96 -1.68
CA TRP C 92 -18.06 -8.92 -0.66
C TRP C 92 -17.07 -7.83 -1.06
N ASP C 93 -17.33 -6.61 -0.59
CA ASP C 93 -16.36 -5.53 -0.66
C ASP C 93 -15.50 -5.63 0.58
N VAL C 94 -14.22 -5.97 0.38
CA VAL C 94 -13.32 -6.20 1.51
C VAL C 94 -13.15 -4.95 2.37
N ALA C 95 -13.06 -3.80 1.72
CA ALA C 95 -12.84 -2.54 2.42
C ALA C 95 -13.95 -2.24 3.42
N THR C 96 -15.20 -2.56 3.05
CA THR C 96 -16.34 -2.16 3.85
C THR C 96 -17.00 -3.32 4.59
N GLY C 97 -16.81 -4.53 4.10
CA GLY C 97 -17.44 -5.70 4.69
C GLY C 97 -18.86 -5.92 4.22
N GLU C 98 -19.26 -5.20 3.17
CA GLU C 98 -20.61 -5.27 2.65
C GLU C 98 -20.73 -6.28 1.51
N THR C 99 -21.92 -6.85 1.34
CA THR C 99 -22.19 -7.77 0.25
C THR C 99 -22.61 -7.00 -1.00
N TYR C 100 -21.84 -7.14 -2.09
CA TYR C 100 -22.18 -6.48 -3.35
C TYR C 100 -23.16 -7.30 -4.18
N GLN C 101 -23.06 -8.63 -4.08
CA GLN C 101 -23.84 -9.51 -4.95
C GLN C 101 -24.07 -10.89 -4.36
N ARG C 102 -25.27 -11.42 -4.56
CA ARG C 102 -25.62 -12.77 -4.12
C ARG C 102 -25.72 -13.72 -5.32
N PHE C 103 -25.30 -14.96 -5.11
CA PHE C 103 -25.32 -15.96 -6.17
C PHE C 103 -26.28 -17.08 -5.82
N VAL C 104 -27.49 -17.01 -6.35
CA VAL C 104 -28.54 -17.97 -6.04
C VAL C 104 -28.73 -18.92 -7.21
N GLY C 105 -28.85 -20.21 -6.93
CA GLY C 105 -29.03 -21.18 -8.00
C GLY C 105 -28.82 -22.63 -7.62
N HIS C 106 -27.97 -22.87 -6.62
CA HIS C 106 -27.74 -24.22 -6.14
C HIS C 106 -28.92 -24.72 -5.31
N LYS C 107 -29.14 -26.02 -5.33
CA LYS C 107 -30.26 -26.63 -4.65
C LYS C 107 -29.85 -27.17 -3.28
N SER C 108 -28.57 -27.04 -2.97
CA SER C 108 -28.06 -27.54 -1.70
C SER C 108 -26.79 -26.79 -1.31
N ASP C 109 -26.15 -27.23 -0.24
CA ASP C 109 -24.97 -26.56 0.31
C ASP C 109 -23.93 -26.26 -0.76
N VAL C 110 -23.42 -25.04 -0.76
CA VAL C 110 -22.32 -24.68 -1.62
C VAL C 110 -21.02 -24.89 -0.84
N MSE C 111 -20.19 -25.81 -1.33
CA MSE C 111 -19.04 -26.26 -0.58
C MSE C 111 -17.76 -25.57 -1.00
O MSE C 111 -16.78 -25.56 -0.26
CB MSE C 111 -18.87 -27.78 -0.74
CG MSE C 111 -20.05 -28.57 -0.23
SE MSE C 111 -20.35 -28.26 1.67
CE MSE C 111 -18.75 -29.12 2.37
N SER C 112 -17.77 -24.99 -2.19
CA SER C 112 -16.54 -24.46 -2.77
C SER C 112 -16.79 -23.30 -3.72
N VAL C 113 -15.83 -22.39 -3.77
CA VAL C 113 -15.90 -21.25 -4.69
C VAL C 113 -14.49 -20.92 -5.17
N ASP C 114 -14.40 -20.45 -6.42
CA ASP C 114 -13.15 -19.96 -6.95
C ASP C 114 -13.41 -18.97 -8.07
N ILE C 115 -12.37 -18.25 -8.47
CA ILE C 115 -12.51 -17.24 -9.50
C ILE C 115 -11.28 -17.27 -10.42
N ASP C 116 -11.48 -16.93 -11.69
CA ASP C 116 -10.36 -16.88 -12.63
C ASP C 116 -9.47 -15.69 -12.32
N LYS C 117 -8.28 -15.67 -12.90
CA LYS C 117 -7.32 -14.60 -12.64
C LYS C 117 -7.87 -13.23 -13.03
N LYS C 118 -8.51 -13.17 -14.19
CA LYS C 118 -9.09 -11.94 -14.69
C LYS C 118 -10.29 -11.49 -13.85
N ALA C 119 -10.70 -12.34 -12.91
CA ALA C 119 -11.88 -12.06 -12.10
C ALA C 119 -13.07 -11.76 -12.97
N SER C 120 -13.22 -12.53 -14.05
CA SER C 120 -14.32 -12.33 -14.98
C SER C 120 -15.44 -13.35 -14.78
N MSE C 121 -15.11 -14.52 -14.22
CA MSE C 121 -16.12 -15.51 -13.92
C MSE C 121 -15.85 -16.28 -12.62
O MSE C 121 -14.72 -16.41 -12.17
CB MSE C 121 -16.32 -16.48 -15.09
CG MSE C 121 -15.18 -17.44 -15.35
SE MSE C 121 -15.60 -18.55 -16.90
CE MSE C 121 -16.23 -17.14 -18.09
N ILE C 122 -16.93 -16.78 -12.03
CA ILE C 122 -16.88 -17.44 -10.74
C ILE C 122 -17.39 -18.87 -10.84
N ILE C 123 -16.69 -19.79 -10.18
CA ILE C 123 -17.09 -21.19 -10.20
C ILE C 123 -17.42 -21.68 -8.80
N SER C 124 -18.42 -22.55 -8.70
CA SER C 124 -18.86 -23.07 -7.42
C SER C 124 -19.14 -24.57 -7.51
N GLY C 125 -18.98 -25.26 -6.39
CA GLY C 125 -19.30 -26.67 -6.28
C GLY C 125 -20.28 -26.88 -5.15
N SER C 126 -21.26 -27.75 -5.34
CA SER C 126 -22.34 -27.92 -4.38
C SER C 126 -22.65 -29.38 -4.06
N ARG C 127 -23.24 -29.61 -2.90
CA ARG C 127 -23.68 -30.95 -2.53
C ARG C 127 -24.84 -31.39 -3.40
N ASP C 128 -25.29 -30.49 -4.28
CA ASP C 128 -26.31 -30.82 -5.26
C ASP C 128 -25.69 -31.52 -6.47
N LYS C 129 -24.41 -31.86 -6.34
CA LYS C 129 -23.68 -32.65 -7.33
C LYS C 129 -23.25 -31.85 -8.56
N THR C 130 -23.52 -30.55 -8.56
CA THR C 130 -23.23 -29.75 -9.75
C THR C 130 -22.12 -28.73 -9.54
N ILE C 131 -21.54 -28.31 -10.66
CA ILE C 131 -20.61 -27.18 -10.67
C ILE C 131 -21.27 -26.07 -11.45
N LYS C 132 -21.30 -24.87 -10.88
CA LYS C 132 -21.92 -23.75 -11.57
C LYS C 132 -20.91 -22.66 -11.95
N VAL C 133 -21.18 -22.00 -13.08
CA VAL C 133 -20.34 -20.94 -13.59
C VAL C 133 -21.15 -19.64 -13.64
N TRP C 134 -20.65 -18.60 -12.99
CA TRP C 134 -21.39 -17.35 -12.85
C TRP C 134 -20.62 -16.16 -13.40
N THR C 135 -21.35 -15.10 -13.72
CA THR C 135 -20.74 -13.80 -13.98
C THR C 135 -20.51 -13.13 -12.64
N ILE C 136 -19.57 -12.19 -12.58
CA ILE C 136 -19.29 -11.50 -11.33
C ILE C 136 -20.51 -10.69 -10.86
N LYS C 137 -21.50 -10.55 -11.74
CA LYS C 137 -22.72 -9.83 -11.38
C LYS C 137 -23.78 -10.76 -10.82
N GLY C 138 -23.42 -12.02 -10.60
CA GLY C 138 -24.31 -12.96 -9.95
C GLY C 138 -25.21 -13.74 -10.88
N GLN C 139 -24.97 -13.64 -12.18
CA GLN C 139 -25.78 -14.35 -13.15
C GLN C 139 -25.21 -15.73 -13.44
N CYS C 140 -26.00 -16.77 -13.17
CA CYS C 140 -25.57 -18.13 -13.50
C CYS C 140 -25.55 -18.32 -14.99
N LEU C 141 -24.39 -18.74 -15.51
CA LEU C 141 -24.21 -18.95 -16.94
C LEU C 141 -24.51 -20.39 -17.33
N ALA C 142 -23.96 -21.33 -16.58
CA ALA C 142 -24.10 -22.74 -16.92
C ALA C 142 -23.88 -23.65 -15.71
N THR C 143 -24.43 -24.85 -15.80
CA THR C 143 -24.26 -25.86 -14.77
C THR C 143 -23.57 -27.08 -15.38
N LEU C 144 -22.41 -27.43 -14.85
CA LEU C 144 -21.67 -28.59 -15.34
C LEU C 144 -22.11 -29.86 -14.62
N LEU C 145 -22.36 -30.91 -15.38
CA LEU C 145 -22.83 -32.17 -14.81
C LEU C 145 -21.81 -33.29 -15.04
N GLY C 146 -21.73 -34.21 -14.09
CA GLY C 146 -20.85 -35.35 -14.23
C GLY C 146 -20.60 -36.09 -12.93
N HIS C 147 -20.53 -35.34 -11.83
CA HIS C 147 -20.32 -35.98 -10.54
C HIS C 147 -21.57 -36.72 -10.09
N ASN C 148 -21.38 -37.90 -9.49
CA ASN C 148 -22.49 -38.71 -9.05
C ASN C 148 -22.74 -38.61 -7.54
N ASP C 149 -22.13 -37.61 -6.92
CA ASP C 149 -22.28 -37.39 -5.49
C ASP C 149 -21.83 -35.97 -5.20
N TRP C 150 -21.79 -35.59 -3.92
CA TRP C 150 -21.45 -34.23 -3.55
C TRP C 150 -20.13 -33.77 -4.16
N VAL C 151 -20.13 -32.54 -4.68
CA VAL C 151 -18.89 -31.89 -5.08
C VAL C 151 -18.31 -31.21 -3.85
N SER C 152 -17.08 -31.55 -3.50
CA SER C 152 -16.47 -31.05 -2.27
C SER C 152 -15.62 -29.80 -2.49
N GLN C 153 -15.02 -29.71 -3.66
CA GLN C 153 -14.14 -28.59 -3.96
C GLN C 153 -13.93 -28.40 -5.45
N VAL C 154 -13.85 -27.15 -5.89
CA VAL C 154 -13.57 -26.84 -7.28
C VAL C 154 -12.51 -25.74 -7.33
N ARG C 155 -11.59 -25.86 -8.28
CA ARG C 155 -10.49 -24.90 -8.37
C ARG C 155 -10.13 -24.58 -9.81
N VAL C 156 -9.75 -23.33 -10.04
CA VAL C 156 -9.28 -22.91 -11.34
C VAL C 156 -7.79 -23.22 -11.45
N VAL C 157 -7.41 -23.81 -12.58
CA VAL C 157 -6.00 -24.15 -12.79
C VAL C 157 -5.24 -22.95 -13.35
N PRO C 158 -4.13 -22.58 -12.69
CA PRO C 158 -3.27 -21.51 -13.19
C PRO C 158 -2.77 -21.82 -14.60
N ASN C 159 -2.63 -20.80 -15.44
CA ASN C 159 -2.09 -20.99 -16.78
C ASN C 159 -1.19 -19.82 -17.19
N SER C 166 -8.96 -19.18 -22.23
CA SER C 166 -8.96 -20.62 -22.07
C SER C 166 -8.82 -21.00 -20.59
N VAL C 167 -9.96 -21.30 -19.96
CA VAL C 167 -9.97 -21.65 -18.56
C VAL C 167 -10.16 -23.14 -18.34
N THR C 168 -9.35 -23.72 -17.44
CA THR C 168 -9.51 -25.10 -17.03
C THR C 168 -9.77 -25.14 -15.53
N ILE C 169 -10.83 -25.84 -15.13
CA ILE C 169 -11.10 -26.02 -13.70
C ILE C 169 -11.00 -27.50 -13.33
N ILE C 170 -10.81 -27.76 -12.05
CA ILE C 170 -10.72 -29.14 -11.56
C ILE C 170 -11.66 -29.33 -10.37
N SER C 171 -12.24 -30.51 -10.26
CA SER C 171 -13.21 -30.79 -9.21
C SER C 171 -12.97 -32.13 -8.57
N ALA C 172 -13.42 -32.28 -7.33
CA ALA C 172 -13.39 -33.56 -6.64
C ALA C 172 -14.70 -33.72 -5.88
N GLY C 173 -15.10 -34.97 -5.68
CA GLY C 173 -16.36 -35.23 -5.00
C GLY C 173 -16.37 -36.54 -4.24
N ASN C 174 -17.50 -36.82 -3.60
CA ASN C 174 -17.66 -38.06 -2.84
C ASN C 174 -17.98 -39.25 -3.74
N ASP C 175 -17.83 -39.06 -5.04
CA ASP C 175 -17.93 -40.16 -5.99
C ASP C 175 -16.53 -40.66 -6.35
N LYS C 176 -15.55 -40.31 -5.51
CA LYS C 176 -14.18 -40.80 -5.66
C LYS C 176 -13.54 -40.35 -6.96
N MSE C 177 -14.13 -39.36 -7.62
CA MSE C 177 -13.61 -38.89 -8.89
C MSE C 177 -12.97 -37.51 -8.79
O MSE C 177 -13.50 -36.62 -8.14
CB MSE C 177 -14.74 -38.84 -9.93
CG MSE C 177 -15.30 -40.20 -10.32
SE MSE C 177 -13.94 -41.33 -11.14
CE MSE C 177 -13.46 -40.19 -12.65
N VAL C 178 -11.83 -37.36 -9.44
CA VAL C 178 -11.28 -36.04 -9.71
C VAL C 178 -11.49 -35.76 -11.19
N LYS C 179 -11.99 -34.57 -11.51
CA LYS C 179 -12.32 -34.24 -12.89
C LYS C 179 -11.74 -32.90 -13.32
N ALA C 180 -11.25 -32.84 -14.55
CA ALA C 180 -10.84 -31.58 -15.15
C ALA C 180 -11.86 -31.20 -16.20
N TRP C 181 -12.23 -29.91 -16.24
CA TRP C 181 -13.24 -29.43 -17.18
C TRP C 181 -12.68 -28.30 -18.04
N ASN C 182 -13.10 -28.29 -19.31
CA ASN C 182 -12.77 -27.19 -20.21
C ASN C 182 -13.92 -26.18 -20.21
N LEU C 183 -13.69 -25.01 -19.63
CA LEU C 183 -14.74 -24.01 -19.51
C LEU C 183 -15.13 -23.38 -20.84
N ASN C 184 -14.28 -23.51 -21.84
CA ASN C 184 -14.60 -23.03 -23.18
C ASN C 184 -15.59 -23.94 -23.88
N GLN C 185 -15.83 -25.11 -23.30
CA GLN C 185 -16.72 -26.11 -23.88
C GLN C 185 -17.79 -26.54 -22.89
N PHE C 186 -17.65 -26.12 -21.64
CA PHE C 186 -18.50 -26.57 -20.55
C PHE C 186 -18.57 -28.11 -20.51
N GLN C 187 -17.45 -28.75 -20.81
CA GLN C 187 -17.41 -30.21 -20.85
C GLN C 187 -16.17 -30.78 -20.18
N ILE C 188 -16.28 -32.03 -19.72
CA ILE C 188 -15.17 -32.70 -19.07
C ILE C 188 -14.01 -32.90 -20.03
N GLU C 189 -12.79 -32.75 -19.52
CA GLU C 189 -11.59 -32.88 -20.33
C GLU C 189 -10.79 -34.11 -19.92
N ALA C 190 -10.95 -34.51 -18.66
CA ALA C 190 -10.22 -35.65 -18.13
C ALA C 190 -10.84 -36.21 -16.85
N ASP C 191 -10.98 -37.53 -16.81
CA ASP C 191 -11.40 -38.24 -15.60
C ASP C 191 -10.16 -38.80 -14.91
N PHE C 192 -10.01 -38.49 -13.63
CA PHE C 192 -8.89 -39.00 -12.85
C PHE C 192 -9.37 -40.01 -11.83
N ILE C 193 -9.20 -41.28 -12.14
CA ILE C 193 -9.66 -42.37 -11.28
C ILE C 193 -8.51 -42.87 -10.41
N GLY C 194 -8.81 -43.30 -9.19
CA GLY C 194 -7.77 -43.84 -8.33
C GLY C 194 -8.04 -43.73 -6.84
N HIS C 195 -8.81 -42.73 -6.45
CA HIS C 195 -9.15 -42.56 -5.04
C HIS C 195 -10.09 -43.66 -4.56
N ASN C 196 -9.89 -44.08 -3.32
CA ASN C 196 -10.69 -45.15 -2.74
C ASN C 196 -11.61 -44.65 -1.62
N SER C 197 -11.57 -43.34 -1.37
CA SER C 197 -12.43 -42.76 -0.34
C SER C 197 -12.93 -41.38 -0.75
N ASN C 198 -13.82 -40.82 0.06
CA ASN C 198 -14.30 -39.46 -0.12
C ASN C 198 -13.13 -38.49 -0.26
N ILE C 199 -13.21 -37.62 -1.26
CA ILE C 199 -12.19 -36.61 -1.47
C ILE C 199 -12.65 -35.27 -0.92
N ASN C 200 -11.91 -34.74 0.04
CA ASN C 200 -12.29 -33.49 0.70
C ASN C 200 -11.73 -32.25 0.02
N THR C 201 -10.56 -32.39 -0.58
CA THR C 201 -9.84 -31.24 -1.09
C THR C 201 -8.98 -31.57 -2.29
N LEU C 202 -8.74 -30.58 -3.12
CA LEU C 202 -7.78 -30.70 -4.21
C LEU C 202 -7.24 -29.34 -4.59
N THR C 203 -6.05 -29.31 -5.16
CA THR C 203 -5.43 -28.06 -5.55
C THR C 203 -4.49 -28.30 -6.74
N ALA C 204 -4.25 -27.24 -7.51
CA ALA C 204 -3.35 -27.32 -8.64
C ALA C 204 -2.05 -26.62 -8.29
N SER C 205 -0.94 -27.17 -8.77
CA SER C 205 0.36 -26.53 -8.58
C SER C 205 0.36 -25.18 -9.26
N PRO C 206 1.17 -24.24 -8.76
CA PRO C 206 1.24 -22.89 -9.32
C PRO C 206 1.52 -22.87 -10.82
N ASP C 207 2.28 -23.83 -11.32
CA ASP C 207 2.59 -23.88 -12.75
C ASP C 207 1.48 -24.61 -13.53
N GLY C 208 0.47 -25.07 -12.81
CA GLY C 208 -0.70 -25.66 -13.43
C GLY C 208 -0.47 -27.01 -14.09
N THR C 209 0.65 -27.64 -13.78
CA THR C 209 0.96 -28.95 -14.37
C THR C 209 0.47 -30.10 -13.50
N LEU C 210 0.42 -29.89 -12.19
CA LEU C 210 0.05 -30.96 -11.26
C LEU C 210 -1.27 -30.74 -10.55
N ILE C 211 -1.93 -31.84 -10.21
CA ILE C 211 -3.08 -31.83 -9.33
C ILE C 211 -2.78 -32.65 -8.09
N ALA C 212 -3.08 -32.08 -6.93
CA ALA C 212 -3.02 -32.84 -5.68
C ALA C 212 -4.42 -32.96 -5.09
N SER C 213 -4.80 -34.19 -4.76
CA SER C 213 -6.13 -34.46 -4.20
C SER C 213 -6.03 -35.46 -3.04
N ALA C 214 -6.90 -35.30 -2.05
CA ALA C 214 -6.85 -36.14 -0.86
C ALA C 214 -8.17 -36.11 -0.10
N GLY C 215 -8.38 -37.13 0.73
CA GLY C 215 -9.57 -37.19 1.56
C GLY C 215 -9.49 -38.14 2.74
N LYS C 216 -10.58 -38.87 2.95
CA LYS C 216 -10.80 -39.63 4.17
C LYS C 216 -9.64 -40.54 4.56
N ASP C 217 -9.12 -41.30 3.61
CA ASP C 217 -8.10 -42.30 3.90
C ASP C 217 -6.69 -41.72 3.97
N GLY C 218 -6.58 -40.40 3.84
CA GLY C 218 -5.30 -39.73 3.98
C GLY C 218 -4.33 -39.93 2.83
N GLU C 219 -4.81 -40.54 1.76
CA GLU C 219 -3.98 -40.75 0.57
C GLU C 219 -3.97 -39.50 -0.31
N ILE C 220 -2.80 -38.89 -0.45
CA ILE C 220 -2.66 -37.71 -1.28
C ILE C 220 -2.17 -38.10 -2.67
N MSE C 221 -3.07 -38.04 -3.65
CA MSE C 221 -2.71 -38.44 -5.00
C MSE C 221 -2.24 -37.27 -5.84
O MSE C 221 -2.85 -36.20 -5.84
CB MSE C 221 -3.87 -39.17 -5.67
CG MSE C 221 -4.26 -40.45 -4.94
SE MSE C 221 -5.64 -41.45 -5.86
CE MSE C 221 -4.55 -42.21 -7.29
N LEU C 222 -1.13 -37.48 -6.54
CA LEU C 222 -0.57 -36.49 -7.45
C LEU C 222 -0.84 -36.90 -8.89
N TRP C 223 -1.45 -36.01 -9.65
CA TRP C 223 -1.80 -36.30 -11.04
C TRP C 223 -1.04 -35.41 -12.01
N ASN C 224 -0.65 -35.99 -13.15
CA ASN C 224 -0.15 -35.22 -14.27
C ASN C 224 -1.33 -34.76 -15.13
N LEU C 225 -1.65 -33.48 -15.06
CA LEU C 225 -2.84 -32.95 -15.71
C LEU C 225 -2.82 -33.15 -17.22
N ALA C 226 -1.76 -32.66 -17.87
CA ALA C 226 -1.65 -32.76 -19.32
C ALA C 226 -1.64 -34.20 -19.80
N ALA C 227 -0.95 -35.06 -19.07
CA ALA C 227 -0.87 -36.48 -19.42
C ALA C 227 -2.11 -37.24 -18.99
N LYS C 228 -2.95 -36.58 -18.20
CA LYS C 228 -4.18 -37.21 -17.69
C LYS C 228 -3.88 -38.52 -16.99
N LYS C 229 -2.79 -38.55 -16.22
CA LYS C 229 -2.38 -39.77 -15.55
C LYS C 229 -2.02 -39.56 -14.08
N ALA C 230 -2.20 -40.61 -13.29
CA ALA C 230 -1.71 -40.61 -11.92
C ALA C 230 -0.20 -40.78 -11.93
N MSE C 231 0.48 -40.13 -11.00
CA MSE C 231 1.94 -40.22 -10.89
C MSE C 231 2.34 -41.04 -9.67
O MSE C 231 3.05 -42.04 -9.78
CB MSE C 231 2.58 -38.83 -10.81
CG MSE C 231 2.04 -37.84 -11.81
SE MSE C 231 2.89 -36.09 -11.72
CE MSE C 231 3.17 -35.94 -9.80
N TYR C 232 1.87 -40.60 -8.50
CA TYR C 232 2.15 -41.30 -7.27
C TYR C 232 1.24 -40.83 -6.16
N THR C 233 1.28 -41.54 -5.03
CA THR C 233 0.46 -41.20 -3.88
C THR C 233 1.33 -41.02 -2.66
N LEU C 234 1.02 -39.99 -1.88
CA LEU C 234 1.71 -39.73 -0.62
C LEU C 234 0.80 -40.08 0.55
N SER C 235 1.29 -40.92 1.45
CA SER C 235 0.49 -41.36 2.59
C SER C 235 0.54 -40.36 3.75
N ALA C 236 -0.60 -39.75 4.04
CA ALA C 236 -0.71 -38.82 5.16
C ALA C 236 -1.26 -39.53 6.39
N GLN C 237 -1.71 -40.77 6.18
CA GLN C 237 -2.21 -41.62 7.26
C GLN C 237 -3.61 -41.24 7.72
N ASP C 238 -3.79 -39.98 8.12
CA ASP C 238 -5.06 -39.52 8.65
C ASP C 238 -5.82 -38.66 7.64
N GLU C 239 -7.12 -38.49 7.87
CA GLU C 239 -7.97 -37.74 6.97
C GLU C 239 -7.37 -36.37 6.62
N VAL C 240 -7.26 -36.10 5.32
CA VAL C 240 -6.79 -34.81 4.84
C VAL C 240 -7.96 -33.88 4.57
N PHE C 241 -7.87 -32.65 5.08
CA PHE C 241 -8.97 -31.70 4.96
C PHE C 241 -8.65 -30.58 3.97
N SER C 242 -7.38 -30.27 3.84
CA SER C 242 -6.95 -29.17 2.97
C SER C 242 -5.55 -29.40 2.40
N LEU C 243 -5.37 -29.01 1.14
CA LEU C 243 -4.07 -29.14 0.47
C LEU C 243 -3.63 -27.79 -0.08
N ALA C 244 -2.35 -27.48 0.04
CA ALA C 244 -1.83 -26.21 -0.46
C ALA C 244 -0.38 -26.28 -0.90
N PHE C 245 -0.15 -26.12 -2.19
CA PHE C 245 1.20 -25.99 -2.72
C PHE C 245 1.81 -24.66 -2.29
N SER C 246 3.08 -24.69 -1.89
CA SER C 246 3.83 -23.47 -1.65
C SER C 246 3.98 -22.71 -2.96
N PRO C 247 3.81 -21.38 -2.92
CA PRO C 247 3.89 -20.56 -4.12
C PRO C 247 5.30 -20.57 -4.73
N ASN C 248 6.32 -20.69 -3.89
CA ASN C 248 7.71 -20.55 -4.33
C ASN C 248 8.62 -21.72 -4.00
N ARG C 249 8.11 -22.68 -3.23
CA ARG C 249 8.87 -23.90 -2.92
C ARG C 249 8.13 -25.11 -3.45
N TYR C 250 8.89 -26.18 -3.74
CA TYR C 250 8.27 -27.44 -4.14
C TYR C 250 7.79 -28.16 -2.89
N TRP C 251 6.87 -27.50 -2.18
CA TRP C 251 6.31 -28.03 -0.95
C TRP C 251 4.80 -28.18 -1.07
N LEU C 252 4.27 -29.22 -0.46
CA LEU C 252 2.84 -29.44 -0.42
C LEU C 252 2.39 -29.63 1.03
N ALA C 253 1.61 -28.68 1.53
CA ALA C 253 1.08 -28.76 2.88
C ALA C 253 -0.28 -29.46 2.88
N ALA C 254 -0.50 -30.28 3.91
CA ALA C 254 -1.74 -31.03 4.02
C ALA C 254 -2.23 -31.00 5.46
N ALA C 255 -3.39 -30.39 5.68
CA ALA C 255 -3.99 -30.33 7.00
C ALA C 255 -4.73 -31.63 7.28
N THR C 256 -4.26 -32.38 8.28
CA THR C 256 -4.85 -33.68 8.59
C THR C 256 -5.42 -33.69 10.01
N ALA C 257 -6.11 -34.78 10.35
CA ALA C 257 -6.76 -34.89 11.66
C ALA C 257 -5.76 -34.94 12.82
N THR C 258 -4.50 -35.19 12.54
CA THR C 258 -3.50 -35.32 13.59
C THR C 258 -2.41 -34.26 13.51
N GLY C 259 -2.41 -33.47 12.44
CA GLY C 259 -1.43 -32.42 12.27
C GLY C 259 -1.27 -31.97 10.84
N ILE C 260 -0.46 -30.96 10.64
CA ILE C 260 -0.19 -30.45 9.30
C ILE C 260 1.11 -31.03 8.75
N LYS C 261 0.99 -31.97 7.81
CA LYS C 261 2.15 -32.56 7.19
C LYS C 261 2.61 -31.71 6.02
N VAL C 262 3.87 -31.30 6.04
CA VAL C 262 4.44 -30.54 4.95
C VAL C 262 5.41 -31.43 4.17
N PHE C 263 5.06 -31.73 2.93
CA PHE C 263 5.87 -32.61 2.10
C PHE C 263 6.73 -31.83 1.12
N SER C 264 8.00 -32.20 1.06
CA SER C 264 8.86 -31.74 -0.02
C SER C 264 8.73 -32.75 -1.15
N LEU C 265 8.35 -32.29 -2.33
CA LEU C 265 8.19 -33.17 -3.46
C LEU C 265 9.49 -33.33 -4.24
N ASP C 266 10.40 -32.38 -4.06
CA ASP C 266 11.66 -32.39 -4.80
C ASP C 266 12.79 -31.82 -3.94
N PRO C 267 13.58 -32.71 -3.31
CA PRO C 267 13.39 -34.16 -3.32
C PRO C 267 12.25 -34.61 -2.42
N GLN C 268 11.84 -35.86 -2.56
CA GLN C 268 10.74 -36.40 -1.77
C GLN C 268 11.15 -36.65 -0.32
N TYR C 269 10.56 -35.89 0.59
CA TYR C 269 10.73 -36.14 2.03
C TYR C 269 9.74 -35.32 2.83
N LEU C 270 9.61 -35.63 4.11
CA LEU C 270 8.68 -34.92 4.99
C LEU C 270 9.37 -33.74 5.64
N VAL C 271 9.03 -32.53 5.21
CA VAL C 271 9.58 -31.32 5.80
C VAL C 271 9.24 -31.24 7.28
N ASP C 272 7.98 -31.48 7.62
CA ASP C 272 7.56 -31.41 9.02
C ASP C 272 6.14 -31.92 9.24
N ASP C 273 5.83 -32.20 10.50
CA ASP C 273 4.49 -32.61 10.91
C ASP C 273 4.04 -31.70 12.04
N LEU C 274 3.36 -30.61 11.68
CA LEU C 274 3.01 -29.56 12.63
C LEU C 274 1.88 -29.98 13.58
N ARG C 275 2.20 -30.11 14.85
CA ARG C 275 1.22 -30.52 15.85
C ARG C 275 1.32 -29.65 17.10
N PRO C 276 0.47 -28.63 17.18
CA PRO C 276 0.48 -27.72 18.33
C PRO C 276 0.01 -28.45 19.58
N GLU C 277 0.45 -27.99 20.74
CA GLU C 277 -0.03 -28.55 22.00
C GLU C 277 -1.35 -27.89 22.39
N PHE C 278 -2.33 -28.71 22.76
CA PHE C 278 -3.63 -28.18 23.13
C PHE C 278 -3.90 -28.28 24.62
N ALA C 279 -4.32 -27.18 25.21
CA ALA C 279 -4.46 -27.05 26.66
C ALA C 279 -5.68 -27.76 27.22
N GLY C 280 -5.49 -29.00 27.69
CA GLY C 280 -6.53 -29.71 28.40
C GLY C 280 -7.49 -30.56 27.58
N TYR C 281 -7.11 -30.89 26.35
CA TYR C 281 -7.94 -31.75 25.52
C TYR C 281 -7.59 -33.23 25.70
N SER C 282 -8.56 -34.10 25.42
CA SER C 282 -8.29 -35.53 25.35
C SER C 282 -7.57 -35.82 24.04
N LYS C 283 -6.83 -36.93 24.00
CA LYS C 283 -6.10 -37.30 22.79
C LYS C 283 -7.04 -37.43 21.60
N ALA C 284 -8.25 -37.92 21.85
CA ALA C 284 -9.23 -38.10 20.79
C ALA C 284 -10.10 -36.86 20.60
N ALA C 285 -9.95 -35.89 21.50
CA ALA C 285 -10.74 -34.67 21.43
C ALA C 285 -9.92 -33.49 20.92
N GLU C 286 -8.64 -33.71 20.66
CA GLU C 286 -7.75 -32.65 20.18
C GLU C 286 -8.28 -32.01 18.90
N PRO C 287 -8.29 -30.66 18.87
CA PRO C 287 -8.69 -29.91 17.67
C PRO C 287 -7.71 -30.18 16.54
N HIS C 288 -8.17 -30.07 15.30
CA HIS C 288 -7.28 -30.21 14.16
C HIS C 288 -7.50 -29.14 13.08
N ALA C 289 -6.53 -29.02 12.20
CA ALA C 289 -6.58 -28.04 11.13
C ALA C 289 -7.49 -28.52 10.01
N VAL C 290 -8.31 -27.62 9.48
CA VAL C 290 -9.20 -27.97 8.39
C VAL C 290 -9.04 -27.01 7.21
N SER C 291 -8.16 -26.03 7.37
CA SER C 291 -7.93 -25.05 6.30
C SER C 291 -6.48 -24.59 6.27
N LEU C 292 -6.01 -24.24 5.07
CA LEU C 292 -4.62 -23.83 4.88
C LEU C 292 -4.50 -22.67 3.89
N ALA C 293 -3.47 -21.85 4.07
CA ALA C 293 -3.14 -20.81 3.11
C ALA C 293 -1.69 -20.37 3.28
N TRP C 294 -0.97 -20.31 2.17
CA TRP C 294 0.37 -19.75 2.17
C TRP C 294 0.30 -18.25 1.91
N SER C 295 1.20 -17.50 2.54
CA SER C 295 1.34 -16.09 2.20
C SER C 295 1.88 -16.01 0.78
N ALA C 296 1.67 -14.87 0.13
CA ALA C 296 2.12 -14.68 -1.24
C ALA C 296 3.61 -14.99 -1.39
N ASP C 297 4.40 -14.66 -0.38
CA ASP C 297 5.85 -14.87 -0.45
C ASP C 297 6.26 -16.27 0.02
N GLY C 298 5.29 -17.05 0.47
CA GLY C 298 5.54 -18.43 0.86
C GLY C 298 6.32 -18.60 2.15
N GLN C 299 6.48 -17.52 2.90
CA GLN C 299 7.24 -17.57 4.14
C GLN C 299 6.34 -17.80 5.35
N THR C 300 5.04 -17.71 5.13
CA THR C 300 4.08 -17.90 6.21
C THR C 300 3.00 -18.90 5.79
N LEU C 301 2.62 -19.77 6.72
CA LEU C 301 1.53 -20.71 6.50
C LEU C 301 0.45 -20.49 7.55
N PHE C 302 -0.76 -20.21 7.10
CA PHE C 302 -1.89 -20.05 8.01
C PHE C 302 -2.72 -21.32 8.01
N ALA C 303 -3.24 -21.68 9.18
CA ALA C 303 -4.09 -22.85 9.29
C ALA C 303 -5.26 -22.58 10.22
N GLY C 304 -6.46 -22.94 9.78
CA GLY C 304 -7.66 -22.76 10.57
C GLY C 304 -8.02 -24.05 11.30
N TYR C 305 -8.44 -23.93 12.55
CA TYR C 305 -8.68 -25.10 13.38
C TYR C 305 -10.12 -25.27 13.83
N THR C 306 -10.44 -26.46 14.32
CA THR C 306 -11.78 -26.78 14.82
C THR C 306 -12.03 -26.18 16.19
N ASP C 307 -11.05 -25.47 16.72
CA ASP C 307 -11.23 -24.76 17.99
C ASP C 307 -11.37 -23.26 17.74
N ASN C 308 -11.74 -22.90 16.51
CA ASN C 308 -12.07 -21.53 16.14
C ASN C 308 -10.86 -20.61 16.04
N VAL C 309 -9.66 -21.17 16.12
CA VAL C 309 -8.44 -20.37 16.11
C VAL C 309 -7.65 -20.56 14.83
N ILE C 310 -7.00 -19.50 14.38
CA ILE C 310 -6.06 -19.59 13.28
C ILE C 310 -4.64 -19.58 13.82
N ARG C 311 -3.84 -20.56 13.41
CA ARG C 311 -2.46 -20.62 13.84
C ARG C 311 -1.51 -20.28 12.71
N VAL C 312 -0.39 -19.66 13.05
CA VAL C 312 0.51 -19.09 12.05
C VAL C 312 1.92 -19.62 12.19
N TRP C 313 2.41 -20.29 11.14
CA TRP C 313 3.78 -20.76 11.11
C TRP C 313 4.60 -19.95 10.12
N GLN C 314 5.86 -19.71 10.45
CA GLN C 314 6.76 -19.01 9.56
C GLN C 314 8.00 -19.85 9.28
N VAL C 315 8.48 -19.80 8.05
CA VAL C 315 9.71 -20.48 7.70
C VAL C 315 10.87 -19.67 8.22
N MSE C 316 11.55 -20.21 9.24
CA MSE C 316 12.76 -19.58 9.78
C MSE C 316 13.97 -20.50 9.64
O MSE C 316 13.84 -21.65 9.21
CB MSE C 316 12.54 -19.20 11.24
CG MSE C 316 11.44 -18.17 11.46
SE MSE C 316 10.75 -18.19 13.28
CE MSE C 316 12.09 -17.07 14.13
N THR C 317 15.13 -19.99 10.02
CA THR C 317 16.39 -20.49 9.49
C THR C 317 17.04 -21.49 10.45
N ALA C 318 17.57 -22.57 9.90
CA ALA C 318 17.11 -23.08 8.61
C ALA C 318 17.70 -24.45 8.31
N ALA D 2 23.09 -110.47 -2.40
CA ALA D 2 23.15 -109.04 -2.12
C ALA D 2 23.50 -108.25 -3.38
N SER D 3 23.96 -107.02 -3.18
CA SER D 3 23.09 -105.93 -2.77
C SER D 3 22.62 -106.10 -1.33
N ASN D 4 22.67 -105.01 -0.57
CA ASN D 4 22.86 -105.11 0.88
C ASN D 4 21.62 -104.66 1.65
N GLU D 5 20.45 -105.13 1.21
CA GLU D 5 19.20 -104.43 1.47
C GLU D 5 18.20 -105.30 2.22
N VAL D 6 17.42 -104.67 3.10
CA VAL D 6 16.40 -105.37 3.87
C VAL D 6 15.14 -104.53 4.01
N LEU D 7 14.04 -105.18 4.34
CA LEU D 7 12.79 -104.51 4.62
C LEU D 7 12.64 -104.29 6.12
N VAL D 8 12.38 -103.05 6.51
CA VAL D 8 12.29 -102.71 7.93
C VAL D 8 10.96 -102.03 8.23
N LEU D 9 10.26 -102.50 9.25
CA LEU D 9 9.01 -101.87 9.66
C LEU D 9 9.28 -100.47 10.16
N ARG D 10 8.72 -99.48 9.48
CA ARG D 10 8.99 -98.08 9.78
C ARG D 10 7.91 -97.43 10.63
N GLY D 11 6.66 -97.84 10.44
CA GLY D 11 5.56 -97.27 11.20
C GLY D 11 4.20 -97.80 10.82
N THR D 12 3.17 -97.12 11.30
CA THR D 12 1.80 -97.48 11.00
C THR D 12 0.99 -96.26 10.61
N LEU D 13 -0.08 -96.49 9.86
CA LEU D 13 -1.03 -95.44 9.54
C LEU D 13 -2.38 -95.88 10.08
N GLU D 14 -2.85 -95.21 11.12
CA GLU D 14 -4.10 -95.57 11.77
C GLU D 14 -5.13 -94.53 11.33
N GLY D 15 -6.38 -94.96 11.18
CA GLY D 15 -7.44 -94.04 10.81
C GLY D 15 -8.67 -94.72 10.26
N HIS D 16 -8.51 -95.94 9.78
CA HIS D 16 -9.67 -96.72 9.31
C HIS D 16 -10.32 -97.47 10.47
N ASN D 17 -11.56 -97.86 10.30
CA ASN D 17 -12.28 -98.61 11.32
C ASN D 17 -12.76 -99.95 10.80
N GLY D 18 -12.15 -100.39 9.71
CA GLY D 18 -12.42 -101.70 9.13
C GLY D 18 -11.19 -102.19 8.41
N TRP D 19 -11.25 -103.44 7.94
CA TRP D 19 -10.16 -104.00 7.15
C TRP D 19 -9.70 -103.02 6.09
N VAL D 20 -8.39 -102.81 5.98
CA VAL D 20 -7.84 -102.00 4.90
C VAL D 20 -7.72 -102.90 3.66
N THR D 21 -8.71 -102.80 2.78
CA THR D 21 -8.89 -103.75 1.69
C THR D 21 -8.04 -103.45 0.46
N SER D 22 -7.62 -102.20 0.32
CA SER D 22 -6.93 -101.78 -0.90
C SER D 22 -6.08 -100.54 -0.68
N LEU D 23 -4.95 -100.49 -1.37
CA LEU D 23 -4.01 -99.36 -1.26
C LEU D 23 -3.62 -98.91 -2.66
N ALA D 24 -3.27 -97.64 -2.79
CA ALA D 24 -2.86 -97.09 -4.08
C ALA D 24 -1.89 -95.94 -3.89
N THR D 25 -0.87 -95.90 -4.75
CA THR D 25 0.09 -94.80 -4.78
C THR D 25 0.15 -94.25 -6.20
N SER D 26 0.84 -93.12 -6.37
CA SER D 26 0.95 -92.51 -7.69
C SER D 26 2.32 -91.86 -7.91
N ALA D 27 2.83 -91.97 -9.13
CA ALA D 27 4.09 -91.35 -9.48
C ALA D 27 3.98 -89.82 -9.47
N GLY D 28 2.79 -89.31 -9.75
CA GLY D 28 2.55 -87.88 -9.73
C GLY D 28 2.74 -87.29 -8.34
N GLN D 29 2.27 -88.01 -7.33
CA GLN D 29 2.35 -87.55 -5.95
C GLN D 29 2.95 -88.63 -5.05
N PRO D 30 4.28 -88.74 -5.05
CA PRO D 30 5.02 -89.74 -4.26
C PRO D 30 4.69 -89.68 -2.77
N ASN D 31 4.19 -88.54 -2.29
CA ASN D 31 3.88 -88.41 -0.86
C ASN D 31 2.42 -88.65 -0.56
N LEU D 32 1.69 -89.18 -1.55
CA LEU D 32 0.27 -89.46 -1.38
C LEU D 32 0.00 -90.96 -1.30
N LEU D 33 -0.83 -91.35 -0.35
CA LEU D 33 -1.30 -92.72 -0.29
C LEU D 33 -2.83 -92.74 -0.21
N LEU D 34 -3.44 -93.62 -1.00
CA LEU D 34 -4.88 -93.81 -0.94
C LEU D 34 -5.20 -95.19 -0.39
N SER D 35 -6.15 -95.25 0.53
CA SER D 35 -6.55 -96.51 1.14
C SER D 35 -8.06 -96.68 1.15
N ALA D 36 -8.52 -97.91 0.91
CA ALA D 36 -9.94 -98.24 1.00
C ALA D 36 -10.17 -99.22 2.15
N SER D 37 -11.40 -99.29 2.64
CA SER D 37 -11.68 -100.06 3.85
C SER D 37 -13.09 -100.66 3.89
N ARG D 38 -13.28 -101.62 4.80
CA ARG D 38 -14.60 -102.17 5.06
C ARG D 38 -15.43 -101.20 5.88
N ASP D 39 -14.84 -100.08 6.27
CA ASP D 39 -15.59 -99.05 6.99
C ASP D 39 -16.33 -98.14 6.01
N LYS D 40 -16.38 -98.57 4.75
CA LYS D 40 -17.15 -97.89 3.70
C LYS D 40 -16.51 -96.60 3.20
N THR D 41 -15.28 -96.33 3.62
CA THR D 41 -14.62 -95.08 3.23
C THR D 41 -13.27 -95.32 2.59
N LEU D 42 -12.75 -94.27 1.97
CA LEU D 42 -11.35 -94.23 1.58
C LEU D 42 -10.67 -93.12 2.34
N ILE D 43 -9.36 -93.22 2.49
CA ILE D 43 -8.59 -92.18 3.13
C ILE D 43 -7.36 -91.84 2.30
N SER D 44 -7.12 -90.56 2.09
CA SER D 44 -5.86 -90.12 1.49
C SER D 44 -4.91 -89.73 2.63
N TRP D 45 -3.66 -90.16 2.52
CA TRP D 45 -2.69 -89.92 3.57
C TRP D 45 -1.56 -89.03 3.06
N LYS D 46 -1.08 -88.15 3.93
CA LYS D 46 0.12 -87.38 3.63
C LYS D 46 1.31 -88.08 4.27
N LEU D 47 2.25 -88.52 3.44
CA LEU D 47 3.41 -89.26 3.93
C LEU D 47 4.56 -88.32 4.28
N THR D 48 4.96 -88.35 5.55
CA THR D 48 6.09 -87.56 6.01
C THR D 48 7.30 -88.46 6.26
N GLY D 49 7.02 -89.71 6.65
CA GLY D 49 8.09 -90.62 7.01
C GLY D 49 8.80 -90.11 8.26
N ASP D 50 8.01 -89.64 9.23
CA ASP D 50 8.56 -88.99 10.40
C ASP D 50 8.49 -89.89 11.63
N ASP D 51 8.82 -89.26 12.78
CA ASP D 51 9.16 -89.96 14.02
C ASP D 51 8.00 -90.68 14.71
N GLN D 52 7.72 -91.91 14.27
CA GLN D 52 6.65 -92.73 14.82
C GLN D 52 5.27 -92.31 14.32
N LYS D 53 5.24 -91.27 13.50
CA LYS D 53 4.07 -90.96 12.67
C LYS D 53 4.54 -90.87 11.22
N PHE D 54 4.45 -91.99 10.51
CA PHE D 54 4.92 -92.05 9.13
C PHE D 54 4.08 -91.18 8.22
N GLY D 55 2.86 -90.86 8.66
CA GLY D 55 1.98 -90.02 7.88
C GLY D 55 0.67 -89.76 8.59
N VAL D 56 -0.14 -88.86 8.04
CA VAL D 56 -1.40 -88.50 8.65
C VAL D 56 -2.53 -88.48 7.62
N PRO D 57 -3.76 -88.74 8.07
CA PRO D 57 -4.93 -88.67 7.20
C PRO D 57 -5.22 -87.24 6.79
N VAL D 58 -5.50 -87.00 5.51
CA VAL D 58 -5.81 -85.65 5.04
C VAL D 58 -7.26 -85.50 4.58
N ARG D 59 -7.76 -86.48 3.84
CA ARG D 59 -9.17 -86.47 3.43
C ARG D 59 -9.83 -87.81 3.72
N SER D 60 -11.11 -87.75 4.05
CA SER D 60 -11.94 -88.94 4.12
C SER D 60 -12.93 -88.92 2.97
N PHE D 61 -13.06 -90.06 2.29
CA PHE D 61 -13.96 -90.17 1.15
C PHE D 61 -15.19 -90.99 1.52
N LYS D 62 -16.28 -90.31 1.83
CA LYS D 62 -17.49 -90.96 2.30
C LYS D 62 -18.61 -90.85 1.27
N GLY D 63 -19.35 -91.94 1.08
CA GLY D 63 -20.41 -91.95 0.09
C GLY D 63 -20.91 -93.35 -0.21
N HIS D 64 -20.00 -94.33 -0.22
CA HIS D 64 -20.40 -95.71 -0.42
C HIS D 64 -21.21 -96.20 0.76
N SER D 65 -22.21 -97.02 0.49
CA SER D 65 -23.10 -97.54 1.53
C SER D 65 -22.70 -98.96 1.94
N HIS D 66 -21.54 -99.40 1.49
CA HIS D 66 -21.06 -100.74 1.81
C HIS D 66 -19.54 -100.79 1.74
N ILE D 67 -18.97 -101.97 1.98
CA ILE D 67 -17.54 -102.17 1.92
C ILE D 67 -16.94 -101.63 0.62
N VAL D 68 -15.83 -100.92 0.73
CA VAL D 68 -15.06 -100.56 -0.44
C VAL D 68 -13.97 -101.62 -0.60
N GLN D 69 -14.00 -102.33 -1.72
CA GLN D 69 -13.12 -103.47 -1.92
C GLN D 69 -11.80 -103.09 -2.58
N ASP D 70 -11.84 -102.18 -3.53
CA ASP D 70 -10.68 -101.84 -4.34
C ASP D 70 -10.62 -100.34 -4.61
N CYS D 71 -9.42 -99.83 -4.86
CA CYS D 71 -9.25 -98.42 -5.18
C CYS D 71 -7.99 -98.20 -6.00
N THR D 72 -7.92 -97.07 -6.68
CA THR D 72 -6.72 -96.71 -7.44
C THR D 72 -6.68 -95.21 -7.72
N LEU D 73 -5.50 -94.72 -8.07
CA LEU D 73 -5.31 -93.30 -8.36
C LEU D 73 -4.97 -93.11 -9.83
N THR D 74 -5.34 -91.95 -10.37
CA THR D 74 -4.88 -91.58 -11.70
C THR D 74 -3.38 -91.31 -11.64
N ALA D 75 -2.73 -91.30 -12.80
CA ALA D 75 -1.28 -91.11 -12.87
C ALA D 75 -0.83 -89.83 -12.15
N ASP D 76 -1.61 -88.77 -12.29
CA ASP D 76 -1.26 -87.48 -11.69
C ASP D 76 -1.65 -87.41 -10.21
N GLY D 77 -2.43 -88.39 -9.75
CA GLY D 77 -2.85 -88.44 -8.37
C GLY D 77 -4.00 -87.51 -8.05
N ALA D 78 -4.56 -86.89 -9.08
CA ALA D 78 -5.64 -85.92 -8.90
C ALA D 78 -7.00 -86.58 -8.65
N TYR D 79 -7.18 -87.79 -9.17
CA TYR D 79 -8.46 -88.47 -9.03
C TYR D 79 -8.35 -89.88 -8.48
N ALA D 80 -9.40 -90.32 -7.80
CA ALA D 80 -9.44 -91.64 -7.20
C ALA D 80 -10.67 -92.42 -7.68
N LEU D 81 -10.50 -93.72 -7.86
CA LEU D 81 -11.60 -94.61 -8.22
C LEU D 81 -11.80 -95.63 -7.12
N SER D 82 -13.06 -95.99 -6.86
CA SER D 82 -13.36 -96.96 -5.82
C SER D 82 -14.41 -97.98 -6.29
N ALA D 83 -14.22 -99.23 -5.89
CA ALA D 83 -15.20 -100.28 -6.18
C ALA D 83 -15.82 -100.77 -4.86
N SER D 84 -17.14 -100.83 -4.82
CA SER D 84 -17.84 -101.13 -3.57
C SER D 84 -18.85 -102.27 -3.68
N TRP D 85 -19.07 -102.97 -2.58
CA TRP D 85 -20.07 -104.02 -2.50
C TRP D 85 -21.48 -103.45 -2.70
N ASP D 86 -21.59 -102.12 -2.70
CA ASP D 86 -22.88 -101.48 -2.93
C ASP D 86 -23.25 -101.47 -4.41
N LYS D 87 -22.47 -102.21 -5.20
CA LYS D 87 -22.76 -102.43 -6.62
C LYS D 87 -22.35 -101.25 -7.51
N THR D 88 -21.65 -100.28 -6.94
CA THR D 88 -21.27 -99.10 -7.71
C THR D 88 -19.78 -98.81 -7.62
N LEU D 89 -19.31 -97.98 -8.54
CA LEU D 89 -17.99 -97.39 -8.44
C LEU D 89 -18.15 -95.88 -8.35
N ARG D 90 -17.16 -95.22 -7.76
CA ARG D 90 -17.18 -93.77 -7.67
C ARG D 90 -15.84 -93.18 -8.13
N LEU D 91 -15.92 -92.05 -8.80
CA LEU D 91 -14.74 -91.28 -9.16
C LEU D 91 -14.69 -90.09 -8.21
N TRP D 92 -13.57 -89.97 -7.48
CA TRP D 92 -13.44 -88.93 -6.47
C TRP D 92 -12.43 -87.85 -6.88
N ASP D 93 -12.66 -86.65 -6.39
CA ASP D 93 -11.66 -85.59 -6.47
C ASP D 93 -10.78 -85.73 -5.24
N VAL D 94 -9.52 -86.12 -5.46
CA VAL D 94 -8.61 -86.37 -4.35
C VAL D 94 -8.39 -85.16 -3.46
N ALA D 95 -8.36 -83.98 -4.08
CA ALA D 95 -8.13 -82.74 -3.34
C ALA D 95 -9.26 -82.40 -2.38
N THR D 96 -10.50 -82.65 -2.79
CA THR D 96 -11.65 -82.22 -2.01
C THR D 96 -12.33 -83.37 -1.27
N GLY D 97 -12.13 -84.59 -1.74
CA GLY D 97 -12.78 -85.76 -1.17
C GLY D 97 -14.19 -85.97 -1.67
N GLU D 98 -14.60 -85.17 -2.65
CA GLU D 98 -15.96 -85.25 -3.18
C GLU D 98 -16.08 -86.27 -4.30
N THR D 99 -17.28 -86.82 -4.46
CA THR D 99 -17.56 -87.73 -5.56
C THR D 99 -17.98 -86.93 -6.80
N TYR D 100 -17.23 -87.08 -7.89
CA TYR D 100 -17.56 -86.40 -9.13
C TYR D 100 -18.54 -87.22 -9.96
N GLN D 101 -18.44 -88.54 -9.87
CA GLN D 101 -19.22 -89.41 -10.73
C GLN D 101 -19.49 -90.78 -10.12
N ARG D 102 -20.72 -91.27 -10.29
CA ARG D 102 -21.08 -92.62 -9.86
C ARG D 102 -21.16 -93.55 -11.06
N PHE D 103 -20.81 -94.81 -10.84
CA PHE D 103 -20.83 -95.82 -11.89
C PHE D 103 -21.80 -96.93 -11.52
N VAL D 104 -22.99 -96.87 -12.11
CA VAL D 104 -24.05 -97.81 -11.82
C VAL D 104 -24.26 -98.75 -13.00
N GLY D 105 -24.41 -100.04 -12.74
CA GLY D 105 -24.62 -100.99 -13.81
C GLY D 105 -24.44 -102.45 -13.41
N HIS D 106 -23.60 -102.68 -12.40
CA HIS D 106 -23.40 -104.04 -11.91
C HIS D 106 -24.59 -104.51 -11.09
N LYS D 107 -24.85 -105.81 -11.17
CA LYS D 107 -25.99 -106.41 -10.48
C LYS D 107 -25.59 -106.97 -9.12
N SER D 108 -24.31 -106.89 -8.81
CA SER D 108 -23.81 -107.40 -7.54
C SER D 108 -22.55 -106.67 -7.09
N ASP D 109 -21.96 -107.14 -6.00
CA ASP D 109 -20.78 -106.50 -5.42
C ASP D 109 -19.71 -106.20 -6.48
N VAL D 110 -19.18 -104.99 -6.44
CA VAL D 110 -18.05 -104.64 -7.31
C VAL D 110 -16.75 -104.86 -6.55
N MSE D 111 -15.93 -105.77 -7.04
CA MSE D 111 -14.76 -106.24 -6.31
C MSE D 111 -13.46 -105.58 -6.76
O MSE D 111 -12.47 -105.58 -6.03
CB MSE D 111 -14.63 -107.75 -6.43
CG MSE D 111 -15.85 -108.50 -5.90
SE MSE D 111 -16.14 -108.17 -4.00
CE MSE D 111 -14.59 -109.14 -3.32
N SER D 112 -13.47 -105.03 -7.97
CA SER D 112 -12.24 -104.49 -8.53
C SER D 112 -12.48 -103.30 -9.45
N VAL D 113 -11.48 -102.42 -9.54
CA VAL D 113 -11.54 -101.29 -10.45
C VAL D 113 -10.14 -100.99 -10.96
N ASP D 114 -10.04 -100.50 -12.18
CA ASP D 114 -8.78 -100.01 -12.71
C ASP D 114 -9.02 -99.02 -13.85
N ILE D 115 -7.98 -98.31 -14.22
CA ILE D 115 -8.08 -97.29 -15.25
C ILE D 115 -6.82 -97.31 -16.12
N ASP D 116 -6.97 -96.99 -17.40
CA ASP D 116 -5.83 -96.98 -18.30
C ASP D 116 -4.92 -95.80 -17.98
N LYS D 117 -3.74 -95.79 -18.60
CA LYS D 117 -2.76 -94.74 -18.36
C LYS D 117 -3.30 -93.36 -18.76
N LYS D 118 -3.94 -93.30 -19.93
CA LYS D 118 -4.50 -92.05 -20.43
C LYS D 118 -5.69 -91.58 -19.60
N ALA D 119 -6.13 -92.43 -18.66
CA ALA D 119 -7.32 -92.12 -17.86
C ALA D 119 -8.51 -91.83 -18.76
N SER D 120 -8.68 -92.64 -19.80
CA SER D 120 -9.76 -92.43 -20.76
C SER D 120 -10.87 -93.47 -20.62
N MSE D 121 -10.55 -94.62 -20.03
CA MSE D 121 -11.57 -95.62 -19.77
C MSE D 121 -11.33 -96.44 -18.50
O MSE D 121 -10.19 -96.71 -18.11
CB MSE D 121 -11.82 -96.53 -20.98
CG MSE D 121 -10.74 -97.54 -21.30
SE MSE D 121 -11.23 -98.54 -22.91
CE MSE D 121 -11.69 -97.03 -24.06
N ILE D 122 -12.42 -96.81 -17.85
CA ILE D 122 -12.40 -97.47 -16.55
C ILE D 122 -12.90 -98.91 -16.69
N ILE D 123 -12.27 -99.82 -15.96
CA ILE D 123 -12.71 -101.21 -15.97
C ILE D 123 -13.06 -101.66 -14.56
N SER D 124 -14.06 -102.52 -14.45
CA SER D 124 -14.49 -103.03 -13.16
C SER D 124 -14.79 -104.52 -13.22
N GLY D 125 -14.68 -105.18 -12.07
CA GLY D 125 -15.00 -106.60 -11.97
C GLY D 125 -15.97 -106.82 -10.83
N SER D 126 -16.96 -107.68 -11.05
CA SER D 126 -18.05 -107.86 -10.09
C SER D 126 -18.35 -109.32 -9.78
N ARG D 127 -19.06 -109.54 -8.68
CA ARG D 127 -19.52 -110.88 -8.33
C ARG D 127 -20.69 -111.29 -9.21
N ASP D 128 -21.08 -110.40 -10.11
CA ASP D 128 -22.10 -110.72 -11.10
C ASP D 128 -21.47 -111.44 -12.30
N LYS D 129 -20.20 -111.79 -12.15
CA LYS D 129 -19.47 -112.58 -13.15
C LYS D 129 -19.00 -111.75 -14.34
N THR D 130 -19.28 -110.46 -14.34
CA THR D 130 -18.98 -109.63 -15.51
C THR D 130 -17.84 -108.64 -15.29
N ILE D 131 -17.23 -108.23 -16.40
CA ILE D 131 -16.31 -107.12 -16.40
C ILE D 131 -16.95 -105.99 -17.18
N LYS D 132 -16.95 -104.78 -16.63
CA LYS D 132 -17.55 -103.66 -17.32
C LYS D 132 -16.54 -102.58 -17.72
N VAL D 133 -16.82 -101.94 -18.85
CA VAL D 133 -15.95 -100.89 -19.39
C VAL D 133 -16.74 -99.58 -19.42
N TRP D 134 -16.18 -98.55 -18.81
CA TRP D 134 -16.89 -97.28 -18.64
C TRP D 134 -16.11 -96.10 -19.19
N THR D 135 -16.83 -95.00 -19.46
CA THR D 135 -16.19 -93.71 -19.72
C THR D 135 -15.93 -93.05 -18.37
N ILE D 136 -15.02 -92.09 -18.35
CA ILE D 136 -14.70 -91.40 -17.11
C ILE D 136 -15.87 -90.57 -16.60
N LYS D 137 -16.92 -90.48 -17.41
CA LYS D 137 -18.13 -89.76 -17.02
C LYS D 137 -19.22 -90.71 -16.50
N GLY D 138 -18.86 -91.98 -16.29
CA GLY D 138 -19.78 -92.93 -15.69
C GLY D 138 -20.72 -93.64 -16.65
N GLN D 139 -20.46 -93.52 -17.94
CA GLN D 139 -21.28 -94.22 -18.93
C GLN D 139 -20.74 -95.62 -19.19
N CYS D 140 -21.59 -96.63 -19.00
CA CYS D 140 -21.18 -98.00 -19.29
C CYS D 140 -21.14 -98.23 -20.79
N LEU D 141 -19.97 -98.59 -21.29
CA LEU D 141 -19.78 -98.81 -22.72
C LEU D 141 -20.11 -100.24 -23.11
N ALA D 142 -19.56 -101.19 -22.38
CA ALA D 142 -19.73 -102.61 -22.70
C ALA D 142 -19.57 -103.51 -21.50
N THR D 143 -20.11 -104.72 -21.60
CA THR D 143 -19.96 -105.73 -20.57
C THR D 143 -19.27 -106.95 -21.17
N LEU D 144 -18.17 -107.36 -20.56
CA LEU D 144 -17.38 -108.48 -21.06
C LEU D 144 -17.73 -109.77 -20.31
N LEU D 145 -18.20 -110.76 -21.06
CA LEU D 145 -18.58 -112.04 -20.48
C LEU D 145 -17.54 -113.12 -20.80
N GLY D 146 -17.47 -114.15 -19.95
CA GLY D 146 -16.53 -115.23 -20.14
C GLY D 146 -16.24 -115.97 -18.86
N HIS D 147 -16.34 -115.27 -17.73
CA HIS D 147 -16.15 -115.89 -16.43
C HIS D 147 -17.42 -116.60 -15.96
N ASN D 148 -17.25 -117.74 -15.31
CA ASN D 148 -18.38 -118.56 -14.88
C ASN D 148 -18.62 -118.46 -13.38
N ASP D 149 -17.96 -117.52 -12.74
CA ASP D 149 -18.12 -117.30 -11.31
C ASP D 149 -17.70 -115.87 -11.00
N TRP D 150 -17.65 -115.51 -9.73
CA TRP D 150 -17.28 -114.16 -9.35
C TRP D 150 -15.96 -113.71 -9.98
N VAL D 151 -15.93 -112.47 -10.45
CA VAL D 151 -14.68 -111.86 -10.84
C VAL D 151 -14.09 -111.17 -9.61
N SER D 152 -12.86 -111.53 -9.26
CA SER D 152 -12.25 -111.01 -8.04
C SER D 152 -11.36 -109.80 -8.30
N GLN D 153 -10.73 -109.76 -9.46
CA GLN D 153 -9.81 -108.65 -9.75
C GLN D 153 -9.60 -108.44 -11.25
N VAL D 154 -9.55 -107.17 -11.65
CA VAL D 154 -9.29 -106.82 -13.04
C VAL D 154 -8.23 -105.73 -13.08
N ARG D 155 -7.28 -105.85 -14.00
CA ARG D 155 -6.17 -104.92 -14.07
C ARG D 155 -5.81 -104.59 -15.51
N VAL D 156 -5.39 -103.36 -15.75
CA VAL D 156 -4.93 -102.95 -17.06
C VAL D 156 -3.44 -103.24 -17.21
N VAL D 157 -3.08 -103.95 -18.26
CA VAL D 157 -1.69 -104.29 -18.51
C VAL D 157 -0.92 -103.10 -19.06
N PRO D 158 0.17 -102.72 -18.39
CA PRO D 158 1.01 -101.62 -18.89
C PRO D 158 1.60 -101.98 -20.24
N ASN D 159 1.75 -101.01 -21.13
CA ASN D 159 2.35 -101.25 -22.44
C ASN D 159 3.32 -100.15 -22.86
N SER D 166 -4.47 -99.33 -27.97
CA SER D 166 -4.49 -100.77 -27.83
C SER D 166 -4.36 -101.19 -26.37
N VAL D 167 -5.50 -101.40 -25.71
CA VAL D 167 -5.50 -101.72 -24.29
C VAL D 167 -5.71 -103.22 -24.04
N THR D 168 -4.87 -103.79 -23.20
CA THR D 168 -5.04 -105.16 -22.75
C THR D 168 -5.36 -105.16 -21.26
N ILE D 169 -6.35 -105.94 -20.86
CA ILE D 169 -6.68 -106.09 -19.45
C ILE D 169 -6.65 -107.56 -19.06
N ILE D 170 -6.46 -107.81 -17.78
CA ILE D 170 -6.44 -109.18 -17.27
C ILE D 170 -7.44 -109.34 -16.13
N SER D 171 -7.97 -110.54 -15.98
CA SER D 171 -8.97 -110.79 -14.95
C SER D 171 -8.80 -112.16 -14.33
N ALA D 172 -9.26 -112.30 -13.09
CA ALA D 172 -9.25 -113.57 -12.41
C ALA D 172 -10.55 -113.72 -11.66
N GLY D 173 -10.99 -114.96 -11.48
CA GLY D 173 -12.24 -115.21 -10.80
C GLY D 173 -12.26 -116.53 -10.05
N ASN D 174 -13.38 -116.80 -9.40
CA ASN D 174 -13.54 -118.04 -8.64
C ASN D 174 -13.88 -119.23 -9.54
N ASP D 175 -13.73 -119.05 -10.84
CA ASP D 175 -13.86 -120.15 -11.79
C ASP D 175 -12.46 -120.68 -12.13
N LYS D 176 -11.49 -120.31 -11.32
CA LYS D 176 -10.12 -120.81 -11.45
C LYS D 176 -9.44 -120.35 -12.74
N MSE D 177 -10.06 -119.39 -13.43
CA MSE D 177 -9.54 -118.92 -14.71
C MSE D 177 -8.88 -117.55 -14.62
O MSE D 177 -9.38 -116.64 -13.96
CB MSE D 177 -10.66 -118.87 -15.76
CG MSE D 177 -11.23 -120.22 -16.13
SE MSE D 177 -9.90 -121.39 -16.94
CE MSE D 177 -9.27 -120.21 -18.35
N VAL D 178 -7.73 -117.42 -15.28
CA VAL D 178 -7.14 -116.11 -15.53
C VAL D 178 -7.29 -115.81 -17.01
N LYS D 179 -7.84 -114.64 -17.32
CA LYS D 179 -8.11 -114.28 -18.70
C LYS D 179 -7.47 -112.95 -19.07
N ALA D 180 -6.99 -112.87 -20.30
CA ALA D 180 -6.55 -111.59 -20.86
C ALA D 180 -7.54 -111.19 -21.94
N TRP D 181 -7.90 -109.91 -21.99
CA TRP D 181 -8.87 -109.43 -22.96
C TRP D 181 -8.31 -108.31 -23.81
N ASN D 182 -8.70 -108.28 -25.08
CA ASN D 182 -8.37 -107.19 -25.98
C ASN D 182 -9.50 -106.16 -25.98
N LEU D 183 -9.26 -105.01 -25.38
CA LEU D 183 -10.30 -103.98 -25.25
C LEU D 183 -10.71 -103.34 -26.57
N ASN D 184 -9.83 -103.41 -27.57
CA ASN D 184 -10.15 -102.92 -28.90
C ASN D 184 -11.18 -103.81 -29.59
N GLN D 185 -11.35 -105.02 -29.06
CA GLN D 185 -12.27 -106.01 -29.64
C GLN D 185 -13.37 -106.41 -28.66
N PHE D 186 -13.21 -106.01 -27.40
CA PHE D 186 -14.09 -106.47 -26.33
C PHE D 186 -14.16 -107.99 -26.31
N GLN D 187 -13.04 -108.63 -26.63
CA GLN D 187 -13.00 -110.09 -26.71
C GLN D 187 -11.78 -110.69 -26.03
N ILE D 188 -11.90 -111.94 -25.62
CA ILE D 188 -10.82 -112.64 -24.94
C ILE D 188 -9.61 -112.83 -25.86
N GLU D 189 -8.42 -112.77 -25.28
CA GLU D 189 -7.19 -112.90 -26.05
C GLU D 189 -6.41 -114.14 -25.62
N ALA D 190 -6.59 -114.56 -24.37
CA ALA D 190 -5.90 -115.73 -23.86
C ALA D 190 -6.56 -116.29 -22.61
N ASP D 191 -6.72 -117.60 -22.58
CA ASP D 191 -7.19 -118.31 -21.38
C ASP D 191 -5.99 -118.94 -20.68
N PHE D 192 -5.79 -118.56 -19.42
CA PHE D 192 -4.70 -119.11 -18.63
C PHE D 192 -5.24 -120.13 -17.63
N ILE D 193 -5.06 -121.40 -17.94
CA ILE D 193 -5.57 -122.48 -17.10
C ILE D 193 -4.44 -123.03 -16.23
N GLY D 194 -4.77 -123.41 -14.99
CA GLY D 194 -3.76 -124.00 -14.12
C GLY D 194 -4.02 -123.87 -12.63
N HIS D 195 -4.82 -122.87 -12.25
CA HIS D 195 -5.17 -122.69 -10.85
C HIS D 195 -6.16 -123.76 -10.40
N ASN D 196 -5.99 -124.22 -9.16
CA ASN D 196 -6.85 -125.26 -8.60
C ASN D 196 -7.76 -124.74 -7.51
N SER D 197 -7.70 -123.44 -7.24
CA SER D 197 -8.51 -122.85 -6.19
C SER D 197 -8.99 -121.45 -6.59
N ASN D 198 -9.86 -120.87 -5.77
CA ASN D 198 -10.28 -119.50 -5.97
C ASN D 198 -9.07 -118.58 -6.13
N ILE D 199 -9.16 -117.66 -7.09
CA ILE D 199 -8.10 -116.69 -7.32
C ILE D 199 -8.53 -115.35 -6.74
N ASN D 200 -7.76 -114.83 -5.78
CA ASN D 200 -8.12 -113.60 -5.09
C ASN D 200 -7.55 -112.36 -5.76
N THR D 201 -6.39 -112.52 -6.38
CA THR D 201 -5.63 -111.38 -6.83
C THR D 201 -4.77 -111.72 -8.03
N LEU D 202 -4.56 -110.75 -8.89
CA LEU D 202 -3.58 -110.87 -9.97
C LEU D 202 -3.03 -109.50 -10.31
N THR D 203 -1.86 -109.49 -10.93
CA THR D 203 -1.24 -108.24 -11.33
C THR D 203 -0.28 -108.50 -12.47
N ALA D 204 -0.02 -107.46 -13.25
CA ALA D 204 0.94 -107.57 -14.35
C ALA D 204 2.23 -106.86 -13.97
N SER D 205 3.35 -107.36 -14.48
CA SER D 205 4.63 -106.71 -14.25
C SER D 205 4.62 -105.34 -14.92
N PRO D 206 5.46 -104.42 -14.42
CA PRO D 206 5.54 -103.06 -14.96
C PRO D 206 5.89 -103.01 -16.44
N ASP D 207 6.59 -104.02 -16.96
CA ASP D 207 6.93 -104.06 -18.37
C ASP D 207 5.85 -104.75 -19.20
N GLY D 208 4.80 -105.20 -18.53
CA GLY D 208 3.66 -105.78 -19.20
C GLY D 208 3.91 -107.14 -19.84
N THR D 209 4.96 -107.81 -19.42
CA THR D 209 5.30 -109.11 -20.00
C THR D 209 4.82 -110.28 -19.14
N LEU D 210 4.69 -110.06 -17.84
CA LEU D 210 4.33 -111.15 -16.93
C LEU D 210 3.02 -110.92 -16.19
N ILE D 211 2.31 -112.01 -15.94
CA ILE D 211 1.15 -111.98 -15.07
C ILE D 211 1.42 -112.85 -13.83
N ALA D 212 1.14 -112.29 -12.66
CA ALA D 212 1.19 -113.05 -11.42
C ALA D 212 -0.22 -113.15 -10.83
N SER D 213 -0.61 -114.37 -10.46
CA SER D 213 -1.94 -114.60 -9.89
C SER D 213 -1.89 -115.64 -8.77
N ALA D 214 -2.80 -115.51 -7.82
CA ALA D 214 -2.83 -116.40 -6.66
C ALA D 214 -4.13 -116.28 -5.89
N GLY D 215 -4.38 -117.26 -5.02
CA GLY D 215 -5.58 -117.26 -4.21
C GLY D 215 -5.51 -118.19 -3.02
N LYS D 216 -6.59 -118.95 -2.84
CA LYS D 216 -6.80 -119.74 -1.62
C LYS D 216 -5.67 -120.69 -1.26
N ASP D 217 -5.18 -121.46 -2.22
CA ASP D 217 -4.19 -122.49 -1.95
C ASP D 217 -2.75 -121.95 -1.88
N GLY D 218 -2.61 -120.63 -1.94
CA GLY D 218 -1.31 -120.00 -1.76
C GLY D 218 -0.35 -120.16 -2.93
N GLU D 219 -0.82 -120.79 -4.00
CA GLU D 219 0.00 -120.99 -5.18
C GLU D 219 0.04 -119.73 -6.06
N ILE D 220 1.23 -119.16 -6.22
CA ILE D 220 1.41 -117.98 -7.05
C ILE D 220 1.89 -118.37 -8.43
N MSE D 221 1.01 -118.29 -9.42
CA MSE D 221 1.35 -118.68 -10.77
C MSE D 221 1.85 -117.51 -11.61
O MSE D 221 1.24 -116.44 -11.62
CB MSE D 221 0.18 -119.38 -11.44
CG MSE D 221 -0.21 -120.68 -10.75
SE MSE D 221 -1.57 -121.71 -11.69
CE MSE D 221 -0.54 -122.25 -13.25
N LEU D 222 2.97 -117.72 -12.29
CA LEU D 222 3.54 -116.72 -13.19
C LEU D 222 3.27 -117.13 -14.63
N TRP D 223 2.72 -116.20 -15.42
CA TRP D 223 2.38 -116.50 -16.80
C TRP D 223 3.15 -115.60 -17.76
N ASN D 224 3.56 -116.17 -18.88
CA ASN D 224 4.09 -115.39 -19.99
C ASN D 224 2.92 -114.92 -20.84
N LEU D 225 2.60 -113.64 -20.76
CA LEU D 225 1.42 -113.10 -21.45
C LEU D 225 1.47 -113.31 -22.95
N ALA D 226 2.53 -112.81 -23.59
CA ALA D 226 2.65 -112.90 -25.05
C ALA D 226 2.58 -114.35 -25.53
N ALA D 227 3.26 -115.24 -24.82
CA ALA D 227 3.33 -116.64 -25.22
C ALA D 227 2.09 -117.41 -24.76
N LYS D 228 1.25 -116.75 -23.98
CA LYS D 228 0.03 -117.36 -23.46
C LYS D 228 0.34 -118.71 -22.81
N LYS D 229 1.38 -118.74 -21.98
CA LYS D 229 1.79 -119.96 -21.31
C LYS D 229 2.18 -119.76 -19.86
N ALA D 230 1.92 -120.77 -19.04
CA ALA D 230 2.37 -120.78 -17.65
C ALA D 230 3.88 -120.99 -17.60
N MSE D 231 4.56 -120.17 -16.80
CA MSE D 231 6.01 -120.30 -16.63
C MSE D 231 6.35 -121.20 -15.44
O MSE D 231 6.94 -122.27 -15.62
CB MSE D 231 6.65 -118.92 -16.43
CG MSE D 231 6.64 -118.03 -17.66
SE MSE D 231 6.80 -116.12 -17.25
CE MSE D 231 7.85 -116.21 -15.62
N TYR D 232 5.98 -120.77 -14.24
CA TYR D 232 6.22 -121.55 -13.04
C TYR D 232 5.28 -121.12 -11.93
N THR D 233 5.32 -121.86 -10.83
CA THR D 233 4.50 -121.55 -9.67
C THR D 233 5.36 -121.41 -8.42
N LEU D 234 5.10 -120.35 -7.65
CA LEU D 234 5.76 -120.15 -6.37
C LEU D 234 4.81 -120.51 -5.24
N SER D 235 5.29 -121.32 -4.31
CA SER D 235 4.48 -121.73 -3.18
C SER D 235 4.56 -120.73 -2.04
N ALA D 236 3.43 -120.08 -1.74
CA ALA D 236 3.35 -119.15 -0.63
C ALA D 236 2.74 -119.83 0.58
N GLN D 237 2.32 -121.08 0.39
CA GLN D 237 1.79 -121.93 1.45
C GLN D 237 0.37 -121.53 1.88
N ASP D 238 0.21 -120.29 2.31
CA ASP D 238 -1.07 -119.82 2.83
C ASP D 238 -1.82 -118.95 1.83
N GLU D 239 -3.11 -118.76 2.06
CA GLU D 239 -3.95 -117.99 1.15
C GLU D 239 -3.35 -116.62 0.84
N VAL D 240 -3.26 -116.30 -0.44
CA VAL D 240 -2.76 -115.00 -0.88
C VAL D 240 -3.92 -114.06 -1.18
N PHE D 241 -3.84 -112.84 -0.64
CA PHE D 241 -4.91 -111.86 -0.79
C PHE D 241 -4.54 -110.72 -1.74
N SER D 242 -3.25 -110.44 -1.87
CA SER D 242 -2.79 -109.37 -2.74
C SER D 242 -1.39 -109.63 -3.31
N LEU D 243 -1.19 -109.25 -4.56
CA LEU D 243 0.12 -109.36 -5.22
C LEU D 243 0.55 -108.00 -5.75
N ALA D 244 1.84 -107.73 -5.72
CA ALA D 244 2.36 -106.45 -6.20
C ALA D 244 3.83 -106.51 -6.59
N PHE D 245 4.11 -106.32 -7.86
CA PHE D 245 5.48 -106.23 -8.35
C PHE D 245 6.10 -104.92 -7.92
N SER D 246 7.38 -104.96 -7.54
CA SER D 246 8.13 -103.75 -7.29
C SER D 246 8.33 -103.01 -8.61
N PRO D 247 8.21 -101.68 -8.58
CA PRO D 247 8.31 -100.86 -9.80
C PRO D 247 9.70 -100.92 -10.40
N ASN D 248 10.72 -100.97 -9.56
CA ASN D 248 12.11 -100.90 -10.01
C ASN D 248 12.95 -102.15 -9.72
N ARG D 249 12.48 -102.97 -8.79
CA ARG D 249 13.18 -104.21 -8.46
C ARG D 249 12.44 -105.40 -9.03
N TYR D 250 13.17 -106.48 -9.30
CA TYR D 250 12.54 -107.71 -9.72
C TYR D 250 11.96 -108.43 -8.51
N TRP D 251 11.03 -107.77 -7.84
CA TRP D 251 10.44 -108.28 -6.61
C TRP D 251 8.93 -108.41 -6.72
N LEU D 252 8.39 -109.50 -6.19
CA LEU D 252 6.95 -109.69 -6.15
C LEU D 252 6.52 -109.90 -4.69
N ALA D 253 5.70 -108.98 -4.19
CA ALA D 253 5.22 -109.08 -2.83
C ALA D 253 3.85 -109.76 -2.80
N ALA D 254 3.66 -110.65 -1.83
CA ALA D 254 2.40 -111.37 -1.69
C ALA D 254 1.91 -111.31 -0.25
N ALA D 255 0.79 -110.63 -0.05
CA ALA D 255 0.14 -110.59 1.26
C ALA D 255 -0.57 -111.91 1.50
N THR D 256 -0.16 -112.63 2.54
CA THR D 256 -0.75 -113.93 2.84
C THR D 256 -1.35 -113.95 4.24
N ALA D 257 -2.06 -115.02 4.57
CA ALA D 257 -2.72 -115.13 5.86
C ALA D 257 -1.75 -115.21 7.04
N THR D 258 -0.48 -115.49 6.77
CA THR D 258 0.50 -115.64 7.83
C THR D 258 1.62 -114.61 7.75
N GLY D 259 1.58 -113.75 6.74
CA GLY D 259 2.60 -112.73 6.57
C GLY D 259 2.78 -112.32 5.14
N ILE D 260 3.64 -111.32 4.91
CA ILE D 260 3.91 -110.85 3.56
C ILE D 260 5.19 -111.46 3.03
N LYS D 261 5.06 -112.36 2.07
CA LYS D 261 6.23 -112.94 1.43
C LYS D 261 6.69 -112.06 0.28
N VAL D 262 7.97 -111.70 0.30
CA VAL D 262 8.55 -110.90 -0.78
C VAL D 262 9.54 -111.75 -1.55
N PHE D 263 9.18 -112.07 -2.79
CA PHE D 263 9.99 -112.94 -3.62
C PHE D 263 10.90 -112.15 -4.56
N SER D 264 12.16 -112.57 -4.63
CA SER D 264 13.03 -112.17 -5.72
C SER D 264 12.87 -113.21 -6.82
N LEU D 265 12.54 -112.75 -8.03
CA LEU D 265 12.31 -113.65 -9.15
C LEU D 265 13.57 -113.87 -9.97
N ASP D 266 14.54 -112.98 -9.80
CA ASP D 266 15.81 -113.08 -10.53
C ASP D 266 16.95 -112.43 -9.74
N PRO D 267 17.75 -113.25 -9.04
CA PRO D 267 17.58 -114.70 -9.00
C PRO D 267 16.39 -115.08 -8.13
N GLN D 268 15.97 -116.33 -8.22
CA GLN D 268 14.85 -116.84 -7.43
C GLN D 268 15.25 -117.07 -5.97
N TYR D 269 14.66 -116.29 -5.07
CA TYR D 269 14.81 -116.53 -3.65
C TYR D 269 13.84 -115.66 -2.86
N LEU D 270 13.59 -116.04 -1.61
CA LEU D 270 12.71 -115.29 -0.74
C LEU D 270 13.46 -114.14 -0.08
N VAL D 271 13.12 -112.92 -0.44
CA VAL D 271 13.74 -111.75 0.17
C VAL D 271 13.39 -111.70 1.65
N ASP D 272 12.13 -112.00 1.96
CA ASP D 272 11.66 -111.92 3.34
C ASP D 272 10.24 -112.42 3.52
N ASP D 273 9.90 -112.70 4.78
CA ASP D 273 8.53 -113.06 5.17
C ASP D 273 8.11 -112.14 6.31
N LEU D 274 7.50 -111.02 5.95
CA LEU D 274 7.17 -109.98 6.92
C LEU D 274 6.03 -110.37 7.87
N ARG D 275 6.37 -110.53 9.15
CA ARG D 275 5.39 -110.94 10.14
C ARG D 275 5.50 -110.09 11.40
N PRO D 276 4.70 -109.00 11.46
CA PRO D 276 4.72 -108.11 12.62
C PRO D 276 4.23 -108.84 13.86
N GLU D 277 4.71 -108.44 15.02
CA GLU D 277 4.23 -108.99 16.27
C GLU D 277 2.93 -108.30 16.66
N PHE D 278 1.94 -109.07 17.07
CA PHE D 278 0.64 -108.50 17.43
C PHE D 278 0.37 -108.57 18.93
N ALA D 279 -0.12 -107.47 19.48
CA ALA D 279 -0.27 -107.31 20.92
C ALA D 279 -1.51 -108.00 21.49
N GLY D 280 -1.32 -109.23 21.95
CA GLY D 280 -2.38 -109.94 22.65
C GLY D 280 -3.35 -110.77 21.83
N TYR D 281 -2.96 -111.13 20.60
CA TYR D 281 -3.81 -111.97 19.76
C TYR D 281 -3.47 -113.45 19.91
N SER D 282 -4.46 -114.31 19.67
CA SER D 282 -4.23 -115.74 19.58
C SER D 282 -3.50 -116.04 18.27
N LYS D 283 -2.78 -117.16 18.23
CA LYS D 283 -2.06 -117.53 17.02
C LYS D 283 -3.00 -117.64 15.83
N ALA D 284 -4.22 -118.09 16.08
CA ALA D 284 -5.21 -118.25 15.03
C ALA D 284 -6.05 -117.00 14.86
N ALA D 285 -5.84 -116.02 15.72
CA ALA D 285 -6.61 -114.78 15.67
C ALA D 285 -5.76 -113.61 15.19
N GLU D 286 -4.50 -113.89 14.84
CA GLU D 286 -3.59 -112.84 14.41
C GLU D 286 -4.07 -112.16 13.13
N PRO D 287 -4.09 -110.81 13.15
CA PRO D 287 -4.42 -110.04 11.94
C PRO D 287 -3.43 -110.35 10.81
N HIS D 288 -3.91 -110.30 9.57
CA HIS D 288 -3.04 -110.46 8.43
C HIS D 288 -3.26 -109.37 7.38
N ALA D 289 -2.30 -109.21 6.49
CA ALA D 289 -2.40 -108.22 5.43
C ALA D 289 -3.29 -108.73 4.30
N VAL D 290 -4.09 -107.84 3.75
CA VAL D 290 -4.99 -108.20 2.65
C VAL D 290 -4.84 -107.22 1.49
N SER D 291 -3.92 -106.28 1.63
CA SER D 291 -3.67 -105.29 0.57
C SER D 291 -2.22 -104.83 0.56
N LEU D 292 -1.74 -104.45 -0.61
CA LEU D 292 -0.36 -104.02 -0.78
C LEU D 292 -0.24 -102.90 -1.80
N ALA D 293 0.77 -102.07 -1.62
CA ALA D 293 1.12 -101.06 -2.61
C ALA D 293 2.56 -100.60 -2.41
N TRP D 294 3.31 -100.55 -3.50
CA TRP D 294 4.67 -100.00 -3.47
C TRP D 294 4.61 -98.50 -3.74
N SER D 295 5.52 -97.75 -3.13
CA SER D 295 5.69 -96.34 -3.48
C SER D 295 6.23 -96.25 -4.89
N ALA D 296 6.03 -95.10 -5.53
CA ALA D 296 6.50 -94.90 -6.90
C ALA D 296 7.98 -95.20 -7.06
N ASP D 297 8.76 -94.91 -6.02
CA ASP D 297 10.21 -95.11 -6.08
C ASP D 297 10.63 -96.52 -5.62
N GLY D 298 9.65 -97.31 -5.21
CA GLY D 298 9.89 -98.69 -4.82
C GLY D 298 10.61 -98.86 -3.48
N GLN D 299 10.88 -97.76 -2.79
CA GLN D 299 11.62 -97.82 -1.54
C GLN D 299 10.70 -98.09 -0.35
N THR D 300 9.40 -98.00 -0.57
CA THR D 300 8.43 -98.23 0.50
C THR D 300 7.35 -99.22 0.09
N LEU D 301 7.02 -100.13 1.00
CA LEU D 301 5.90 -101.04 0.81
C LEU D 301 4.83 -100.77 1.85
N PHE D 302 3.60 -100.56 1.40
CA PHE D 302 2.48 -100.37 2.31
C PHE D 302 1.63 -101.64 2.32
N ALA D 303 1.07 -101.95 3.48
CA ALA D 303 0.20 -103.12 3.62
C ALA D 303 -0.96 -102.85 4.57
N GLY D 304 -2.18 -103.14 4.11
CA GLY D 304 -3.36 -102.94 4.92
C GLY D 304 -3.77 -104.23 5.62
N TYR D 305 -4.17 -104.11 6.88
CA TYR D 305 -4.43 -105.28 7.70
C TYR D 305 -5.88 -105.44 8.15
N THR D 306 -6.20 -106.65 8.61
CA THR D 306 -7.53 -106.97 9.09
C THR D 306 -7.80 -106.36 10.45
N ASP D 307 -6.82 -105.64 10.99
CA ASP D 307 -7.01 -104.92 12.24
C ASP D 307 -7.13 -103.41 11.98
N ASN D 308 -7.46 -103.06 10.74
CA ASN D 308 -7.76 -101.67 10.37
C ASN D 308 -6.55 -100.77 10.26
N VAL D 309 -5.35 -101.34 10.37
CA VAL D 309 -4.13 -100.56 10.34
C VAL D 309 -3.34 -100.78 9.06
N ILE D 310 -2.65 -99.75 8.61
CA ILE D 310 -1.72 -99.86 7.50
C ILE D 310 -0.30 -99.89 8.04
N ARG D 311 0.47 -100.90 7.65
CA ARG D 311 1.85 -101.00 8.10
C ARG D 311 2.84 -100.68 6.98
N VAL D 312 3.93 -100.01 7.36
CA VAL D 312 4.85 -99.46 6.37
C VAL D 312 6.26 -100.02 6.53
N TRP D 313 6.76 -100.63 5.46
CA TRP D 313 8.13 -101.13 5.43
C TRP D 313 8.96 -100.31 4.44
N GLN D 314 10.21 -100.08 4.78
CA GLN D 314 11.12 -99.39 3.88
C GLN D 314 12.33 -100.24 3.57
N VAL D 315 12.79 -100.19 2.33
CA VAL D 315 14.02 -100.86 1.95
C VAL D 315 15.20 -100.06 2.45
N MSE D 316 15.96 -100.65 3.38
CA MSE D 316 17.12 -99.97 3.93
C MSE D 316 18.37 -100.85 3.80
O MSE D 316 18.27 -102.05 3.57
CB MSE D 316 16.89 -99.62 5.41
CG MSE D 316 15.62 -98.82 5.66
SE MSE D 316 15.33 -98.42 7.55
CE MSE D 316 16.56 -96.92 7.76
N THR D 317 19.53 -100.22 3.93
CA THR D 317 20.78 -100.97 3.96
C THR D 317 20.94 -101.62 5.32
N ALA D 318 21.53 -102.82 5.34
CA ALA D 318 21.71 -103.55 6.58
C ALA D 318 22.84 -102.95 7.42
N ASN D 319 23.95 -102.64 6.75
CA ASN D 319 25.12 -102.08 7.45
C ASN D 319 25.17 -100.56 7.36
MN MN E . 7.68 111.33 9.68
MN MN F . 12.02 31.02 3.85
MN MN G . -8.27 -18.81 -6.73
MN MN H . -3.74 -99.08 -12.33
#